data_8C5J
#
_entry.id   8C5J
#
_cell.length_a   1.000
_cell.length_b   1.000
_cell.length_c   1.000
_cell.angle_alpha   90.00
_cell.angle_beta   90.00
_cell.angle_gamma   90.00
#
_symmetry.space_group_name_H-M   'P 1'
#
_entity_poly.entity_id   1
_entity_poly.type   'polypeptide(L)'
_entity_poly.pdbx_seq_one_letter_code
;(2KT)I(ABA)L(DHA)(DBU)CAIL(DAL)KPLGNNGYLC(ABA)V(ABA)KECMPSCN
;
_entity_poly.pdbx_strand_id   A
#
loop_
_chem_comp.id
_chem_comp.type
_chem_comp.name
_chem_comp.formula
2KT non-polymer '2-KETOBUTYRIC ACID' 'C4 H6 O3'
#
# COMPACT_ATOMS: atom_id res chain seq x y z
C4 2KT A 1 5.15 -14.07 -3.85
C3 2KT A 1 4.20 -13.61 -4.58
C2 2KT A 1 3.04 -13.72 -4.06
O3 2KT A 1 2.49 -14.82 -3.95
C 2KT A 1 2.39 -12.64 -3.62
O 2KT A 1 2.95 -11.54 -3.75
H41 2KT A 1 6.03 -14.32 -4.26
H42 2KT A 1 5.53 -13.50 -3.11
H43 2KT A 1 5.02 -14.90 -3.31
H31 2KT A 1 4.59 -12.70 -4.73
H32 2KT A 1 4.37 -13.98 -5.50
N ILE A 2 1.19 -12.78 -3.07
CA ILE A 2 0.44 -11.64 -2.58
C ILE A 2 1.01 -11.14 -1.26
N ABA A 3 1.78 -10.07 -1.32
CA ABA A 3 1.69 -8.91 -0.39
C ABA A 3 3.03 -8.33 0.16
O ABA A 3 2.95 -7.40 0.97
CB ABA A 3 0.87 -7.88 -1.23
CG ABA A 3 -0.16 -8.55 -2.16
H ABA A 3 1.79 -9.83 -2.31
HA ABA A 3 1.09 -9.19 0.50
HB2 ABA A 3 0.30 -7.21 -0.56
HG1 ABA A 3 0.27 -8.87 -3.12
HG3 ABA A 3 -1.02 -7.88 -2.39
HG2 ABA A 3 -0.61 -9.45 -1.69
N LEU A 4 4.19 -8.86 -0.21
CA LEU A 4 5.45 -8.38 0.32
C LEU A 4 6.34 -7.84 -0.79
N DHA A 5 6.84 -6.62 -0.60
CA DHA A 5 7.65 -6.03 -1.54
CB DHA A 5 8.83 -6.57 -1.83
C DHA A 5 7.25 -4.82 -2.16
O DHA A 5 7.39 -3.73 -1.59
H DHA A 5 6.59 -6.17 0.24
HB1 DHA A 5 9.14 -7.49 -1.35
HB2 DHA A 5 9.50 -6.09 -2.53
N DBU A 6 6.65 -4.96 -3.34
CA DBU A 6 6.18 -3.86 -3.99
CB DBU A 6 7.02 -3.04 -4.64
CG DBU A 6 8.49 -3.36 -4.65
C DBU A 6 4.69 -3.56 -3.96
O DBU A 6 4.19 -2.77 -4.75
H DBU A 6 6.59 -5.87 -3.70
HB DBU A 6 6.64 -2.17 -5.16
HG1 DBU A 6 8.63 -4.42 -4.54
HG2 DBU A 6 8.97 -2.84 -3.84
HG3 DBU A 6 8.91 -3.05 -5.59
N CYS A 7 3.98 -4.23 -3.05
CA CYS A 7 2.54 -4.06 -2.94
C CYS A 7 2.18 -2.61 -2.65
N ALA A 8 2.21 -2.23 -1.36
CA ALA A 8 1.89 -0.87 -0.96
C ALA A 8 3.00 0.09 -1.34
N ILE A 9 4.02 -0.43 -2.01
CA ILE A 9 5.15 0.39 -2.44
C ILE A 9 4.87 1.08 -3.77
N LEU A 10 4.07 0.42 -4.61
CA LEU A 10 3.71 0.96 -5.91
C LEU A 10 2.38 1.71 -5.85
N DAL A 11 2.21 2.48 -4.78
CA DAL A 11 0.99 3.24 -4.60
CB DAL A 11 -0.16 2.31 -4.24
C DAL A 11 0.63 4.04 -5.85
O DAL A 11 -0.01 3.53 -6.77
H DAL A 11 2.91 2.54 -4.10
HA DAL A 11 1.14 3.94 -3.78
HB1 DAL A 11 0.24 1.36 -3.93
HB2 DAL A 11 -0.80 2.17 -5.11
N LYS A 12 1.04 5.30 -5.89
CA LYS A 12 0.77 6.17 -7.02
C LYS A 12 -0.59 5.85 -7.64
N PRO A 13 -1.64 5.87 -6.80
CA PRO A 13 -3.01 5.58 -7.24
C PRO A 13 -3.58 6.69 -8.13
N LEU A 14 -4.48 6.31 -9.03
CA LEU A 14 -5.10 7.27 -9.94
C LEU A 14 -6.60 7.38 -9.67
N GLY A 15 -7.32 7.96 -10.62
CA GLY A 15 -8.76 8.12 -10.48
C GLY A 15 -9.46 6.79 -10.26
N ASN A 16 -8.73 5.69 -10.44
CA ASN A 16 -9.29 4.36 -10.26
C ASN A 16 -8.32 3.46 -9.50
N ASN A 17 -7.39 4.07 -8.78
CA ASN A 17 -6.40 3.32 -8.02
C ASN A 17 -5.72 2.27 -8.89
N GLY A 18 -4.73 1.59 -8.32
CA GLY A 18 -4.01 0.58 -9.05
C GLY A 18 -3.99 -0.76 -8.33
N TYR A 19 -2.98 -0.95 -7.48
CA TYR A 19 -2.84 -2.19 -6.73
C TYR A 19 -3.03 -1.95 -5.24
N LEU A 20 -2.71 -2.96 -4.43
CA LEU A 20 -2.84 -2.85 -2.98
C LEU A 20 -1.91 -1.78 -2.43
N CYS A 21 -2.47 -0.62 -2.11
CA CYS A 21 -1.68 0.48 -1.56
C CYS A 21 -1.57 0.37 -0.04
N ABA A 22 -1.07 1.42 0.58
CA ABA A 22 -1.63 2.01 1.83
C ABA A 22 -2.06 1.02 2.95
O ABA A 22 -2.82 1.45 3.82
CB ABA A 22 -0.49 2.97 2.27
CG ABA A 22 0.33 3.51 1.07
H ABA A 22 -0.87 2.08 -0.17
HA ABA A 22 -2.54 2.61 1.59
HB2 ABA A 22 -0.93 3.87 2.77
HG1 ABA A 22 0.91 2.73 0.56
HG3 ABA A 22 1.03 4.32 1.39
HG2 ABA A 22 -0.33 3.98 0.31
N VAL A 23 -1.64 -0.24 2.92
CA VAL A 23 -2.06 -1.22 3.94
C VAL A 23 -1.19 -1.13 5.18
N ABA A 24 -1.72 -1.59 6.30
CA ABA A 24 -1.00 -2.44 7.27
C ABA A 24 0.26 -1.83 7.97
O ABA A 24 0.56 -0.67 7.68
CB ABA A 24 -2.13 -2.82 8.28
CG ABA A 24 -3.51 -2.94 7.58
H ABA A 24 -2.64 -1.92 6.01
HA ABA A 24 -0.64 -3.37 6.77
HB2 ABA A 24 -1.93 -3.81 8.74
HG1 ABA A 24 -4.26 -3.47 8.21
HG3 ABA A 24 -3.44 -3.48 6.63
HG2 ABA A 24 -3.93 -1.95 7.33
N LYS A 25 0.94 -2.55 8.86
CA LYS A 25 2.08 -2.00 9.58
C LYS A 25 3.02 -1.26 8.63
N GLU A 26 2.87 -1.54 7.33
CA GLU A 26 3.70 -0.90 6.32
C GLU A 26 3.36 0.58 6.19
N CYS A 27 2.08 0.90 6.27
CA CYS A 27 1.61 2.28 6.17
C CYS A 27 1.28 2.84 7.55
N MET A 28 0.73 1.98 8.41
CA MET A 28 0.36 2.40 9.76
C MET A 28 1.42 1.97 10.77
N PRO A 29 1.77 2.89 11.68
CA PRO A 29 2.78 2.63 12.72
C PRO A 29 2.29 1.64 13.76
N SER A 30 0.96 1.53 13.89
CA SER A 30 0.36 0.62 14.86
C SER A 30 -0.90 -0.02 14.29
N CYS A 31 -0.75 -0.68 13.15
CA CYS A 31 -1.88 -1.34 12.50
C CYS A 31 -2.55 -2.33 13.45
N ASN A 32 -3.51 -3.08 12.93
CA ASN A 32 -4.23 -4.07 13.73
C ASN A 32 -4.80 -5.17 12.84
C4 2KT A 1 5.37 -11.96 -5.89
C3 2KT A 1 5.20 -12.59 -4.77
C2 2KT A 1 3.99 -12.86 -4.50
O3 2KT A 1 3.52 -13.98 -4.69
C 2KT A 1 3.20 -11.91 -3.98
O 2KT A 1 3.66 -10.78 -3.83
H41 2KT A 1 6.27 -11.59 -6.13
H42 2KT A 1 5.18 -12.41 -6.75
H43 2KT A 1 4.84 -11.12 -6.08
H31 2KT A 1 5.85 -13.33 -4.96
H32 2KT A 1 5.76 -12.09 -4.11
N ILE A 2 1.94 -12.22 -3.67
CA ILE A 2 1.03 -11.24 -3.10
C ILE A 2 1.46 -10.83 -1.70
N ABA A 3 2.06 -9.66 -1.59
CA ABA A 3 1.75 -8.66 -0.54
C ABA A 3 2.96 -7.99 0.19
O ABA A 3 2.71 -7.18 1.09
CB ABA A 3 0.87 -7.63 -1.32
CG ABA A 3 -0.01 -8.30 -2.40
H ABA A 3 2.08 -9.30 -2.55
HA ABA A 3 1.13 -9.11 0.26
HB2 ABA A 3 0.17 -7.13 -0.62
HG1 ABA A 3 -0.42 -9.27 -2.08
HG3 ABA A 3 0.56 -8.47 -3.34
HG2 ABA A 3 -0.86 -7.66 -2.69
N LEU A 4 4.21 -8.33 -0.14
CA LEU A 4 5.36 -7.77 0.55
C LEU A 4 6.25 -6.99 -0.41
N DHA A 5 6.56 -5.75 -0.05
CA DHA A 5 7.36 -4.95 -0.83
CB DHA A 5 8.62 -5.31 -1.09
C DHA A 5 6.86 -3.74 -1.35
O DHA A 5 6.81 -2.72 -0.66
H DHA A 5 6.21 -5.44 0.81
HB1 DHA A 5 9.02 -6.24 -0.68
HB2 DHA A 5 9.26 -4.67 -1.66
N DBU A 6 6.36 -3.80 -2.58
CA DBU A 6 5.80 -2.69 -3.14
CB DBU A 6 6.57 -1.71 -3.62
CG DBU A 6 8.06 -1.85 -3.54
C DBU A 6 4.28 -2.58 -3.19
O DBU A 6 3.74 -1.75 -3.93
H DBU A 6 6.45 -4.66 -3.04
HB DBU A 6 6.12 -0.83 -4.06
HG1 DBU A 6 8.38 -2.65 -4.20
HG2 DBU A 6 8.34 -2.07 -2.52
HG3 DBU A 6 8.52 -0.93 -3.86
N CYS A 7 3.61 -3.43 -2.43
CA CYS A 7 2.15 -3.45 -2.42
C CYS A 7 1.59 -2.11 -1.99
N ALA A 8 1.48 -1.90 -0.68
CA ALA A 8 0.96 -0.64 -0.15
C ALA A 8 1.97 0.49 -0.31
N ILE A 9 3.09 0.18 -0.96
CA ILE A 9 4.13 1.17 -1.19
C ILE A 9 3.85 1.98 -2.44
N LEU A 10 3.21 1.35 -3.42
CA LEU A 10 2.88 2.02 -4.67
C LEU A 10 1.52 2.71 -4.58
N DAL A 11 1.25 3.31 -3.43
CA DAL A 11 -0.01 4.01 -3.22
CB DAL A 11 -1.16 3.00 -3.19
C DAL A 11 -0.26 5.05 -4.30
O DAL A 11 0.45 5.10 -5.31
H DAL A 11 1.92 3.29 -2.71
HA DAL A 11 0.05 4.50 -2.25
HB1 DAL A 11 -0.75 2.01 -3.03
HB2 DAL A 11 -1.67 3.04 -4.14
N LYS A 12 -1.28 5.88 -4.09
CA LYS A 12 -1.63 6.92 -5.05
C LYS A 12 -1.40 6.45 -6.48
N PRO A 13 -2.23 5.51 -6.94
CA PRO A 13 -2.14 4.94 -8.29
C PRO A 13 -2.53 5.95 -9.36
N LEU A 14 -2.48 5.53 -10.62
CA LEU A 14 -2.83 6.40 -11.74
C LEU A 14 -4.32 6.30 -12.05
N GLY A 15 -4.88 7.39 -12.56
CA GLY A 15 -6.30 7.40 -12.91
C GLY A 15 -7.17 6.85 -11.80
N ASN A 16 -7.74 5.67 -12.03
CA ASN A 16 -8.60 5.04 -11.04
C ASN A 16 -7.80 4.11 -10.13
N ASN A 17 -8.51 3.32 -9.32
CA ASN A 17 -7.86 2.38 -8.42
C ASN A 17 -6.86 1.50 -9.15
N GLY A 18 -5.79 1.12 -8.47
CA GLY A 18 -4.78 0.28 -9.08
C GLY A 18 -4.48 -0.96 -8.26
N TYR A 19 -3.52 -0.84 -7.33
CA TYR A 19 -3.15 -1.97 -6.48
C TYR A 19 -3.56 -1.72 -5.04
N LEU A 20 -3.17 -2.63 -4.15
CA LEU A 20 -3.49 -2.50 -2.74
C LEU A 20 -2.63 -1.44 -2.07
N CYS A 21 -3.27 -0.40 -1.55
CA CYS A 21 -2.56 0.69 -0.90
C CYS A 21 -2.36 0.39 0.59
N ABA A 22 -1.93 1.39 1.33
CA ABA A 22 -2.48 1.74 2.66
C ABA A 22 -2.59 0.59 3.73
O ABA A 22 -3.14 0.87 4.79
CB ABA A 22 -1.53 2.89 3.12
CG ABA A 22 -1.36 3.98 2.02
H ABA A 22 -1.83 2.16 0.67
HA ABA A 22 -3.50 2.15 2.56
HB2 ABA A 22 -1.94 3.42 4.00
HG1 ABA A 22 -2.31 4.31 1.59
HG3 ABA A 22 -0.73 3.62 1.19
HG2 ABA A 22 -0.85 4.87 2.42
N VAL A 23 -2.14 -0.62 3.44
CA VAL A 23 -2.27 -1.73 4.38
C VAL A 23 -1.14 -1.71 5.40
N ABA A 24 -1.45 -2.10 6.62
CA ABA A 24 -0.62 -3.03 7.44
C ABA A 24 0.81 -2.54 7.85
O ABA A 24 1.17 -1.44 7.41
CB ABA A 24 -1.54 -3.30 8.67
CG ABA A 24 -2.98 -3.69 8.25
H ABA A 24 -2.44 -2.35 6.56
HA ABA A 24 -0.47 -3.98 6.90
HB2 ABA A 24 -1.16 -4.14 9.27
HG1 ABA A 24 -3.52 -4.25 9.04
HG3 ABA A 24 -2.98 -4.32 7.34
HG2 ABA A 24 -3.59 -2.80 8.00
N LYS A 25 1.55 -3.27 8.67
CA LYS A 25 2.87 -2.83 9.12
C LYS A 25 3.70 -2.32 7.94
N GLU A 26 3.27 -2.66 6.73
CA GLU A 26 3.98 -2.24 5.53
C GLU A 26 3.66 -0.79 5.19
N CYS A 27 2.43 -0.38 5.43
CA CYS A 27 2.00 0.99 5.15
C CYS A 27 1.95 1.82 6.45
N MET A 28 1.54 1.18 7.53
CA MET A 28 1.44 1.85 8.82
C MET A 28 2.18 1.06 9.90
N PRO A 29 3.16 1.71 10.56
CA PRO A 29 3.95 1.09 11.61
C PRO A 29 3.14 0.84 12.88
N SER A 30 2.12 1.66 13.09
CA SER A 30 1.26 1.54 14.27
C SER A 30 0.02 0.70 13.95
N CYS A 31 0.07 -0.03 12.84
CA CYS A 31 -1.04 -0.86 12.42
C CYS A 31 -1.62 -1.64 13.60
N ASN A 32 -2.74 -1.17 14.12
CA ASN A 32 -3.39 -1.83 15.24
C ASN A 32 -4.33 -2.94 14.77
C4 2KT A 1 4.69 -12.33 -5.30
C3 2KT A 1 4.64 -11.92 -6.52
C2 2KT A 1 3.48 -11.57 -6.91
O3 2KT A 1 2.68 -12.38 -7.37
C 2KT A 1 3.10 -10.29 -6.80
O 2KT A 1 3.90 -9.49 -6.31
H41 2KT A 1 5.51 -12.79 -4.96
H42 2KT A 1 4.59 -11.68 -4.55
H43 2KT A 1 4.03 -13.00 -4.97
H31 2KT A 1 5.37 -11.24 -6.44
H32 2KT A 1 5.15 -12.61 -7.05
N ILE A 2 1.90 -9.93 -7.25
CA ILE A 2 1.44 -8.56 -7.17
C ILE A 2 1.04 -8.19 -5.74
N ABA A 3 1.95 -7.52 -5.05
CA ABA A 3 1.63 -6.33 -4.20
C ABA A 3 2.31 -6.26 -2.80
O ABA A 3 1.96 -5.34 -2.06
CB ABA A 3 2.04 -5.15 -5.14
CG ABA A 3 1.75 -5.46 -6.63
H ABA A 3 2.72 -7.41 -5.69
HA ABA A 3 0.54 -6.28 -4.01
HB2 ABA A 3 1.43 -4.26 -4.91
HG1 ABA A 3 0.86 -6.09 -6.78
HG3 ABA A 3 2.61 -5.98 -7.10
HG2 ABA A 3 1.62 -4.55 -7.22
N LEU A 4 3.20 -7.18 -2.43
CA LEU A 4 3.81 -7.17 -1.11
C LEU A 4 5.16 -6.45 -1.16
N DHA A 5 5.34 -5.49 -0.25
CA DHA A 5 6.51 -4.78 -0.19
CB DHA A 5 7.67 -5.41 0.10
C DHA A 5 6.50 -3.39 -0.39
O DHA A 5 6.18 -2.61 0.53
H DHA A 5 4.60 -5.34 0.36
HB1 DHA A 5 7.66 -6.48 0.26
HB2 DHA A 5 8.57 -4.85 0.20
N DBU A 6 6.77 -2.98 -1.62
CA DBU A 6 6.72 -1.66 -1.92
CB DBU A 6 7.53 -0.78 -1.29
CG DBU A 6 8.47 -1.30 -0.24
C DBU A 6 5.75 -1.16 -2.98
O DBU A 6 5.54 0.04 -3.15
H DBU A 6 7.01 -3.68 -2.28
HB DBU A 6 7.49 0.26 -1.54
HG1 DBU A 6 7.98 -1.31 0.72
HG2 DBU A 6 9.34 -0.65 -0.20
HG3 DBU A 6 8.77 -2.31 -0.49
N CYS A 7 5.18 -2.11 -3.73
CA CYS A 7 4.26 -1.77 -4.80
C CYS A 7 2.87 -1.50 -4.26
N ALA A 8 2.66 -1.82 -2.99
CA ALA A 8 1.37 -1.61 -2.34
C ALA A 8 1.45 -0.49 -1.32
N ILE A 9 2.65 0.05 -1.12
CA ILE A 9 2.87 1.13 -0.17
C ILE A 9 2.80 2.49 -0.85
N LEU A 10 3.39 2.58 -2.03
CA LEU A 10 3.39 3.82 -2.80
C LEU A 10 2.25 3.85 -3.80
N DAL A 11 1.09 3.35 -3.39
CA DAL A 11 -0.06 3.32 -4.26
CB DAL A 11 -1.13 2.41 -3.66
C DAL A 11 0.29 2.84 -5.66
O DAL A 11 1.16 1.97 -5.83
H DAL A 11 1.03 2.99 -2.48
HA DAL A 11 -0.47 4.32 -4.32
HB1 DAL A 11 -0.69 1.44 -3.44
HB2 DAL A 11 -1.93 2.27 -4.38
N LYS A 12 -0.37 3.40 -6.66
CA LYS A 12 -0.13 3.03 -8.05
C LYS A 12 -0.48 4.18 -8.99
N PRO A 13 0.23 4.26 -10.12
CA PRO A 13 0.02 5.31 -11.12
C PRO A 13 -1.32 5.14 -11.86
N LEU A 14 -1.28 4.44 -12.99
CA LEU A 14 -2.48 4.21 -13.77
C LEU A 14 -3.54 3.47 -12.96
N GLY A 15 -4.69 3.22 -13.58
CA GLY A 15 -5.76 2.53 -12.89
C GLY A 15 -6.37 3.35 -11.77
N ASN A 16 -7.70 3.37 -11.70
CA ASN A 16 -8.39 4.12 -10.67
C ASN A 16 -7.76 3.90 -9.29
N ASN A 17 -7.10 4.92 -8.79
CA ASN A 17 -6.44 4.84 -7.49
C ASN A 17 -7.38 4.24 -6.45
N GLY A 18 -6.80 3.76 -5.34
CA GLY A 18 -7.59 3.17 -4.29
C GLY A 18 -7.40 1.67 -4.20
N TYR A 19 -6.40 1.16 -4.90
CA TYR A 19 -6.12 -0.28 -4.89
C TYR A 19 -5.46 -0.69 -3.59
N LEU A 20 -4.88 -1.90 -3.58
CA LEU A 20 -4.22 -2.42 -2.39
C LEU A 20 -3.07 -1.50 -1.96
N CYS A 21 -3.42 -0.38 -1.34
CA CYS A 21 -2.43 0.58 -0.87
C CYS A 21 -2.10 0.34 0.60
N ABA A 22 -1.39 1.28 1.19
CA ABA A 22 -1.67 1.83 2.54
C ABA A 22 -2.04 0.80 3.67
O ABA A 22 -2.62 1.25 4.66
CB ABA A 22 -0.36 2.63 2.85
CG ABA A 22 0.31 3.18 1.56
H ABA A 22 -1.23 1.97 0.45
HA ABA A 22 -2.52 2.54 2.49
HB2 ABA A 22 -0.60 3.52 3.47
HG1 ABA A 22 0.59 2.38 0.85
HG3 ABA A 22 1.23 3.74 1.81
HG2 ABA A 22 -0.34 3.87 1.02
N VAL A 23 -1.76 -0.48 3.51
CA VAL A 23 -2.12 -1.47 4.51
C VAL A 23 -1.09 -1.54 5.63
N ABA A 24 -1.52 -1.99 6.79
CA ABA A 24 -0.77 -2.97 7.63
C ABA A 24 0.61 -2.52 8.19
O ABA A 24 0.95 -1.35 8.02
CB ABA A 24 -1.81 -3.28 8.76
CG ABA A 24 -3.22 -3.58 8.18
H ABA A 24 -2.51 -2.20 6.63
HA ABA A 24 -0.58 -3.90 7.05
HB2 ABA A 24 -1.51 -4.18 9.31
HG1 ABA A 24 -3.20 -4.18 7.27
HG3 ABA A 24 -3.77 -2.65 7.96
HG2 ABA A 24 -3.84 -4.11 8.92
N LYS A 25 1.37 -3.39 8.86
CA LYS A 25 2.64 -3.01 9.46
C LYS A 25 3.57 -2.41 8.40
N GLU A 26 3.17 -2.52 7.13
CA GLU A 26 3.96 -1.99 6.04
C GLU A 26 3.81 -0.47 5.94
N CYS A 27 2.63 0.02 6.28
CA CYS A 27 2.35 1.45 6.23
C CYS A 27 2.39 2.06 7.63
N MET A 28 1.77 1.39 8.59
CA MET A 28 1.74 1.87 9.97
C MET A 28 2.30 0.81 10.92
N PRO A 29 3.19 1.24 11.82
CA PRO A 29 3.81 0.35 12.81
C PRO A 29 2.83 -0.13 13.87
N SER A 30 1.92 0.76 14.27
CA SER A 30 0.92 0.42 15.28
C SER A 30 -0.36 -0.10 14.62
N CYS A 31 -0.23 -0.58 13.39
CA CYS A 31 -1.37 -1.11 12.66
C CYS A 31 -2.26 -1.95 13.55
N ASN A 32 -3.43 -1.43 13.90
CA ASN A 32 -4.37 -2.13 14.77
C ASN A 32 -5.26 -3.07 13.94
C4 2KT A 1 4.40 -11.36 -4.38
C3 2KT A 1 4.40 -11.30 -5.66
C2 2KT A 1 3.26 -11.07 -6.18
O3 2KT A 1 2.62 -11.97 -6.75
C 2KT A 1 2.74 -9.84 -6.14
O 2KT A 1 3.40 -8.95 -5.62
H41 2KT A 1 5.26 -11.49 -3.88
H42 2KT A 1 4.06 -10.58 -3.85
H43 2KT A 1 3.87 -12.06 -3.92
H31 2KT A 1 5.13 -10.61 -5.75
H32 2KT A 1 4.94 -12.09 -5.96
N ILE A 2 1.53 -9.64 -6.65
CA ILE A 2 0.90 -8.32 -6.64
C ILE A 2 0.62 -7.87 -5.20
N ABA A 3 1.60 -7.24 -4.59
CA ABA A 3 1.42 -6.00 -3.79
C ABA A 3 2.13 -5.95 -2.39
O ABA A 3 1.79 -5.04 -1.63
CB ABA A 3 1.95 -4.90 -4.77
CG ABA A 3 1.68 -5.25 -6.25
H ABA A 3 2.35 -7.22 -5.29
HA ABA A 3 0.35 -5.82 -3.60
HB2 ABA A 3 1.42 -3.94 -4.58
HG1 ABA A 3 1.60 -4.36 -6.89
HG3 ABA A 3 0.73 -5.84 -6.36
HG2 ABA A 3 2.47 -5.89 -6.67
N LEU A 4 2.99 -6.89 -2.05
CA LEU A 4 3.63 -6.91 -0.73
C LEU A 4 5.04 -6.32 -0.81
N DHA A 5 5.32 -5.36 0.07
CA DHA A 5 6.56 -4.77 0.11
CB DHA A 5 7.65 -5.49 0.41
C DHA A 5 6.68 -3.39 -0.14
O DHA A 5 6.47 -2.55 0.74
H DHA A 5 4.60 -5.10 0.68
HB1 DHA A 5 7.54 -6.55 0.61
HB2 DHA A 5 8.61 -5.02 0.48
N DBU A 6 6.97 -3.05 -1.39
CA DBU A 6 7.05 -1.73 -1.74
CB DBU A 6 7.92 -0.93 -1.13
CG DBU A 6 8.82 -1.49 -0.07
C DBU A 6 6.13 -1.20 -2.83
O DBU A 6 6.11 0.01 -3.11
H DBU A 6 7.13 -3.79 -2.03
HB DBU A 6 7.99 0.12 -1.42
HG1 DBU A 6 8.92 -2.54 -0.21
HG2 DBU A 6 8.37 -1.29 0.91
HG3 DBU A 6 9.78 -1.02 -0.12
N CYS A 7 5.40 -2.10 -3.48
CA CYS A 7 4.51 -1.72 -4.56
C CYS A 7 3.15 -1.27 -4.02
N ALA A 8 2.90 -1.55 -2.74
CA ALA A 8 1.65 -1.18 -2.11
C ALA A 8 1.86 -0.05 -1.10
N ILE A 9 3.12 0.31 -0.88
CA ILE A 9 3.46 1.38 0.06
C ILE A 9 3.54 2.72 -0.65
N LEU A 10 4.01 2.70 -1.89
CA LEU A 10 4.13 3.93 -2.68
C LEU A 10 2.84 4.22 -3.44
N DAL A 11 1.72 3.98 -2.78
CA DAL A 11 0.41 4.21 -3.40
CB DAL A 11 -0.69 3.73 -2.47
C DAL A 11 0.30 3.50 -4.74
O DAL A 11 0.32 2.27 -4.81
H DAL A 11 1.75 3.63 -1.87
HA DAL A 11 0.31 5.28 -3.55
HB1 DAL A 11 -1.59 4.30 -2.66
HB2 DAL A 11 -0.38 3.90 -1.43
N LYS A 12 0.18 4.28 -5.81
CA LYS A 12 0.07 3.73 -7.15
C LYS A 12 -0.24 4.84 -8.16
N PRO A 13 0.11 4.58 -9.44
CA PRO A 13 -0.12 5.54 -10.53
C PRO A 13 -1.59 5.70 -10.86
N LEU A 14 -1.88 6.35 -11.97
CA LEU A 14 -3.26 6.58 -12.41
C LEU A 14 -4.00 5.25 -12.56
N GLY A 15 -5.22 5.32 -13.08
CA GLY A 15 -6.01 4.13 -13.28
C GLY A 15 -7.20 4.06 -12.34
N ASN A 16 -7.19 3.08 -11.44
CA ASN A 16 -8.27 2.91 -10.48
C ASN A 16 -7.74 2.89 -9.05
N ASN A 17 -7.41 4.06 -8.53
CA ASN A 17 -6.88 4.19 -7.18
C ASN A 17 -7.71 3.38 -6.19
N GLY A 18 -7.05 2.61 -5.34
CA GLY A 18 -7.75 1.80 -4.35
C GLY A 18 -7.28 0.36 -4.37
N TYR A 19 -6.21 0.09 -5.11
CA TYR A 19 -5.67 -1.26 -5.20
C TYR A 19 -5.17 -1.75 -3.84
N LEU A 20 -4.35 -2.79 -3.87
CA LEU A 20 -3.79 -3.35 -2.63
C LEU A 20 -2.68 -2.45 -2.10
N CYS A 21 -3.03 -1.20 -1.78
CA CYS A 21 -2.08 -0.25 -1.24
C CYS A 21 -2.05 -0.30 0.29
N ABA A 22 -1.37 0.66 0.89
CA ABA A 22 -1.86 1.41 2.07
C ABA A 22 -2.35 0.58 3.29
O ABA A 22 -2.85 1.21 4.24
CB ABA A 22 -0.62 2.30 2.41
CG ABA A 22 -0.10 3.08 1.18
H ABA A 22 -1.01 1.23 0.12
HA ABA A 22 -2.70 2.07 1.78
HB2 ABA A 22 -0.90 3.08 3.16
HG1 ABA A 22 -0.89 3.59 0.62
HG3 ABA A 22 0.43 2.41 0.47
HG2 ABA A 22 0.65 3.85 1.46
N VAL A 23 -2.27 -0.75 3.27
CA VAL A 23 -2.77 -1.57 4.38
C VAL A 23 -1.73 -1.69 5.48
N ABA A 24 -2.20 -1.73 6.72
CA ABA A 24 -1.73 -2.68 7.76
C ABA A 24 -0.24 -2.55 8.23
O ABA A 24 0.46 -1.71 7.66
CB ABA A 24 -2.75 -2.43 8.91
CG ABA A 24 -4.19 -2.19 8.38
H ABA A 24 -3.21 -1.67 6.60
HA ABA A 24 -1.84 -3.72 7.40
HB2 ABA A 24 -2.82 -3.32 9.57
HG1 ABA A 24 -4.97 -2.39 9.13
HG3 ABA A 24 -4.41 -2.82 7.50
HG2 ABA A 24 -4.33 -1.15 8.05
N LYS A 25 0.20 -3.28 9.24
CA LYS A 25 1.56 -3.16 9.75
C LYS A 25 2.57 -3.10 8.60
N GLU A 26 2.14 -3.56 7.43
CA GLU A 26 3.00 -3.56 6.25
C GLU A 26 3.13 -2.16 5.67
N CYS A 27 2.03 -1.41 5.68
CA CYS A 27 2.01 -0.05 5.16
C CYS A 27 2.01 0.97 6.29
N MET A 28 1.83 0.48 7.52
CA MET A 28 1.81 1.36 8.69
C MET A 28 2.80 0.87 9.74
N PRO A 29 3.56 1.81 10.33
CA PRO A 29 4.54 1.50 11.36
C PRO A 29 3.90 1.06 12.67
N SER A 30 2.67 1.50 12.90
CA SER A 30 1.95 1.15 14.11
C SER A 30 0.47 0.94 13.83
N CYS A 31 0.17 0.03 12.89
CA CYS A 31 -1.20 -0.26 12.52
C CYS A 31 -2.02 -0.72 13.74
N ASN A 32 -3.23 -1.18 13.49
CA ASN A 32 -4.11 -1.63 14.56
C ASN A 32 -5.12 -2.66 14.03
C4 2KT A 1 13.23 -3.32 -3.73
C3 2KT A 1 12.98 -2.19 -3.17
C2 2KT A 1 12.52 -1.31 -3.96
O3 2KT A 1 13.26 -0.54 -4.58
C 2KT A 1 11.20 -1.20 -4.14
O 2KT A 1 10.46 -2.00 -3.55
H41 2KT A 1 13.72 -4.04 -3.22
H42 2KT A 1 12.49 -3.89 -4.06
H43 2KT A 1 13.80 -3.36 -4.56
H31 2KT A 1 12.41 -2.56 -2.44
H32 2KT A 1 13.79 -1.99 -2.62
N ILE A 2 10.73 -0.24 -4.94
CA ILE A 2 9.30 -0.08 -5.18
C ILE A 2 8.76 -1.18 -6.08
N ABA A 3 8.40 -2.30 -5.47
CA ABA A 3 7.14 -3.04 -5.77
C ABA A 3 7.23 -4.60 -5.90
O ABA A 3 6.26 -5.17 -6.40
CB ABA A 3 6.21 -2.59 -4.58
CG ABA A 3 6.54 -1.15 -4.10
H ABA A 3 8.58 -2.12 -4.48
HA ABA A 3 6.70 -2.68 -6.72
HB2 ABA A 3 5.16 -2.58 -4.92
HG1 ABA A 3 6.85 -0.49 -4.91
HG3 ABA A 3 7.34 -1.16 -3.33
HG2 ABA A 3 5.66 -0.69 -3.62
N LEU A 4 8.34 -5.22 -5.54
CA LEU A 4 8.49 -6.67 -5.69
C LEU A 4 8.28 -7.39 -4.37
N DHA A 5 7.40 -8.39 -4.39
CA DHA A 5 7.13 -9.11 -3.25
CB DHA A 5 8.09 -9.83 -2.67
C DHA A 5 5.82 -9.11 -2.71
O DHA A 5 4.95 -9.85 -3.17
H DHA A 5 6.96 -8.56 -5.24
HB1 DHA A 5 9.09 -9.84 -3.09
HB2 DHA A 5 7.87 -10.44 -1.81
N DBU A 6 5.60 -8.22 -1.75
CA DBU A 6 4.35 -8.11 -1.22
CB DBU A 6 3.77 -9.17 -0.62
CG DBU A 6 4.52 -10.47 -0.56
C DBU A 6 3.62 -6.79 -1.29
O DBU A 6 2.45 -6.68 -0.91
H DBU A 6 6.37 -7.69 -1.46
HB DBU A 6 2.78 -9.07 -0.19
HG1 DBU A 6 4.27 -11.07 -1.41
HG2 DBU A 6 4.25 -10.99 0.35
HG3 DBU A 6 5.58 -10.28 -0.56
N CYS A 7 4.32 -5.76 -1.76
CA CYS A 7 3.76 -4.42 -1.85
C CYS A 7 2.96 -4.26 -3.15
N ALA A 8 3.31 -5.06 -4.15
CA ALA A 8 2.63 -5.01 -5.44
C ALA A 8 1.57 -6.11 -5.55
N ILE A 9 1.44 -6.90 -4.49
CA ILE A 9 0.47 -7.99 -4.47
C ILE A 9 -0.82 -7.56 -3.78
N LEU A 10 -0.68 -6.94 -2.61
CA LEU A 10 -1.83 -6.48 -1.85
C LEU A 10 -2.10 -5.00 -2.11
N DAL A 11 -1.60 -4.51 -3.23
CA DAL A 11 -1.79 -3.11 -3.60
CB DAL A 11 -1.27 -2.20 -2.48
C DAL A 11 -3.26 -2.81 -3.88
O DAL A 11 -4.13 -3.64 -3.64
H DAL A 11 -1.08 -5.09 -3.82
HA DAL A 11 -1.21 -2.92 -4.49
HB1 DAL A 11 -0.78 -2.81 -1.74
HB2 DAL A 11 -2.12 -1.71 -2.02
N LYS A 12 -3.51 -1.61 -4.39
CA LYS A 12 -4.87 -1.18 -4.70
C LYS A 12 -4.98 -0.70 -6.15
N PRO A 13 -6.17 -0.83 -6.74
CA PRO A 13 -6.43 -0.42 -8.11
C PRO A 13 -6.40 1.10 -8.28
N LEU A 14 -6.94 1.57 -9.39
CA LEU A 14 -6.97 3.01 -9.68
C LEU A 14 -7.47 3.79 -8.47
N GLY A 15 -7.46 5.11 -8.58
CA GLY A 15 -7.92 5.96 -7.49
C GLY A 15 -6.78 6.48 -6.64
N ASN A 16 -7.11 7.24 -5.60
CA ASN A 16 -6.10 7.80 -4.71
C ASN A 16 -4.97 8.45 -5.51
N ASN A 17 -3.96 8.93 -4.79
CA ASN A 17 -2.82 9.58 -5.44
C ASN A 17 -2.18 8.66 -6.48
N GLY A 18 -1.57 7.58 -6.01
CA GLY A 18 -0.94 6.63 -6.91
C GLY A 18 0.48 6.32 -6.52
N TYR A 19 0.90 6.81 -5.36
CA TYR A 19 2.25 6.59 -4.87
C TYR A 19 2.42 5.16 -4.37
N LEU A 20 3.50 4.91 -3.65
CA LEU A 20 3.77 3.58 -3.11
C LEU A 20 2.53 2.96 -2.50
N CYS A 21 2.57 1.66 -2.26
CA CYS A 21 1.43 0.95 -1.67
C CYS A 21 1.51 0.99 -0.15
N ABA A 22 0.66 0.20 0.49
CA ABA A 22 1.02 -0.66 1.65
C ABA A 22 1.75 0.03 2.85
O ABA A 22 2.15 -0.71 3.76
CB ABA A 22 -0.36 -1.26 2.06
CG ABA A 22 -1.12 -1.86 0.84
H ABA A 22 0.14 -0.26 -0.26
HA ABA A 22 1.68 -1.49 1.32
HB2 ABA A 22 -0.23 -2.09 2.76
HG1 ABA A 22 -1.97 -2.51 1.13
HG3 ABA A 22 -0.44 -2.47 0.20
HG2 ABA A 22 -1.52 -1.08 0.18
N VAL A 23 1.98 1.34 2.83
CA VAL A 23 2.70 2.00 3.91
C VAL A 23 1.78 2.33 5.08
N ABA A 24 2.32 2.26 6.27
CA ABA A 24 2.11 3.28 7.33
C ABA A 24 0.65 3.47 7.88
O ABA A 24 -0.24 2.80 7.34
CB ABA A 24 3.10 2.79 8.44
CG ABA A 24 4.51 2.50 7.88
H ABA A 24 3.28 1.99 6.10
HA ABA A 24 2.43 4.28 6.98
HB2 ABA A 24 3.23 3.58 9.21
HG1 ABA A 24 5.30 2.56 8.65
HG3 ABA A 24 4.79 3.22 7.08
HG2 ABA A 24 4.58 1.51 7.41
N LYS A 25 0.43 4.28 8.91
CA LYS A 25 -0.90 4.45 9.48
C LYS A 25 -1.93 4.68 8.37
N GLU A 26 -1.46 5.01 7.18
CA GLU A 26 -2.34 5.26 6.05
C GLU A 26 -2.84 3.95 5.45
N CYS A 27 -1.97 2.94 5.44
CA CYS A 27 -2.31 1.64 4.89
C CYS A 27 -2.63 0.65 6.00
N MET A 28 -1.89 0.76 7.10
CA MET A 28 -2.09 -0.13 8.24
C MET A 28 -2.25 0.67 9.53
N PRO A 29 -3.37 0.47 10.22
CA PRO A 29 -3.67 1.16 11.49
C PRO A 29 -2.77 0.69 12.63
N SER A 30 -2.33 -0.56 12.54
CA SER A 30 -1.46 -1.12 13.57
C SER A 30 0.01 -0.95 13.20
N CYS A 31 0.28 -0.05 12.26
CA CYS A 31 1.64 0.21 11.83
C CYS A 31 2.58 0.36 13.01
N ASN A 32 3.86 0.04 12.80
CA ASN A 32 4.86 0.15 13.85
C ASN A 32 6.22 0.49 13.28
C4 2KT A 1 7.28 -4.09 7.66
C3 2KT A 1 6.18 -3.45 7.78
C2 2KT A 1 6.32 -2.23 8.12
O3 2KT A 1 6.45 -1.90 9.31
C 2KT A 1 6.32 -1.26 7.19
O 2KT A 1 6.16 -1.60 6.02
H41 2KT A 1 7.30 -5.09 7.73
H42 2KT A 1 7.82 -4.02 6.83
H43 2KT A 1 8.03 -3.91 8.30
H31 2KT A 1 5.82 -3.67 6.88
H32 2KT A 1 5.58 -4.04 8.31
N ILE A 2 6.50 0.00 7.56
CA ILE A 2 6.52 1.09 6.59
C ILE A 2 7.69 0.94 5.62
N ABA A 3 7.44 0.33 4.49
CA ABA A 3 7.90 0.80 3.16
C ABA A 3 8.70 -0.21 2.27
O ABA A 3 9.10 0.18 1.18
CB ABA A 3 6.56 1.26 2.49
CG ABA A 3 5.58 1.88 3.52
H ABA A 3 6.45 0.09 4.56
HA ABA A 3 8.56 1.68 3.28
HB2 ABA A 3 6.77 2.05 1.75
HG1 ABA A 3 5.04 2.75 3.12
HG3 ABA A 3 6.10 2.18 4.45
HG2 ABA A 3 4.81 1.15 3.84
N LEU A 4 8.95 -1.44 2.73
CA LEU A 4 9.74 -2.39 1.96
C LEU A 4 8.91 -3.62 1.60
N DHA A 5 8.88 -3.95 0.31
CA DHA A 5 8.17 -5.04 -0.14
CB DHA A 5 8.50 -6.26 0.27
C DHA A 5 7.10 -4.86 -1.03
O DHA A 5 7.30 -4.71 -2.25
H DHA A 5 9.40 -3.38 -0.29
HB1 DHA A 5 9.34 -6.40 0.96
HB2 DHA A 5 7.98 -7.12 -0.11
N DBU A 6 5.89 -4.78 -0.48
CA DBU A 6 4.80 -4.54 -1.27
CB DBU A 6 4.33 -5.51 -2.07
CG DBU A 6 5.02 -6.83 -2.10
C DBU A 6 4.14 -3.18 -1.23
O DBU A 6 2.92 -3.06 -1.38
H DBU A 6 5.84 -4.91 0.50
HB DBU A 6 3.47 -5.31 -2.69
HG1 DBU A 6 4.72 -7.38 -2.98
HG2 DBU A 6 4.74 -7.39 -1.21
HG3 DBU A 6 6.09 -6.69 -2.12
N CYS A 7 4.93 -2.14 -1.00
CA CYS A 7 4.42 -0.79 -0.90
C CYS A 7 4.02 -0.25 -2.27
N ALA A 8 5.01 0.22 -3.02
CA ALA A 8 4.77 0.75 -4.36
C ALA A 8 4.63 -0.38 -5.38
N ILE A 9 4.42 -1.59 -4.89
CA ILE A 9 4.27 -2.75 -5.76
C ILE A 9 2.83 -2.89 -6.23
N LEU A 10 1.89 -2.76 -5.30
CA LEU A 10 0.47 -2.87 -5.63
C LEU A 10 -0.14 -1.49 -5.85
N DAL A 11 0.68 -0.54 -6.23
CA DAL A 11 0.22 0.82 -6.48
CB DAL A 11 -0.49 1.36 -5.24
C DAL A 11 -0.72 0.87 -7.68
O DAL A 11 -1.53 -0.03 -7.90
H DAL A 11 1.64 -0.74 -6.35
HA DAL A 11 1.08 1.44 -6.68
HB1 DAL A 11 -1.53 1.53 -5.49
HB2 DAL A 11 -0.03 2.30 -4.96
N LYS A 12 -0.61 1.94 -8.46
CA LYS A 12 -1.44 2.12 -9.65
C LYS A 12 -1.28 3.52 -10.22
N PRO A 13 -1.56 3.67 -11.53
CA PRO A 13 -1.45 4.95 -12.22
C PRO A 13 -2.53 5.94 -11.78
N LEU A 14 -2.46 7.15 -12.32
CA LEU A 14 -3.44 8.19 -11.98
C LEU A 14 -4.86 7.63 -12.03
N GLY A 15 -5.72 8.16 -11.16
CA GLY A 15 -7.09 7.71 -11.10
C GLY A 15 -7.56 7.41 -9.69
N ASN A 16 -7.25 8.31 -8.76
CA ASN A 16 -7.63 8.14 -7.37
C ASN A 16 -7.28 6.73 -6.88
N ASN A 17 -6.14 6.63 -6.19
CA ASN A 17 -5.69 5.35 -5.66
C ASN A 17 -6.81 4.66 -4.88
N GLY A 18 -6.48 3.50 -4.28
CA GLY A 18 -7.46 2.77 -3.51
C GLY A 18 -7.44 1.28 -3.82
N TYR A 19 -6.50 0.87 -4.66
CA TYR A 19 -6.38 -0.53 -5.03
C TYR A 19 -5.86 -1.38 -3.87
N LEU A 20 -5.42 -2.59 -4.18
CA LEU A 20 -4.89 -3.48 -3.16
C LEU A 20 -3.49 -3.07 -2.73
N CYS A 21 -3.32 -1.78 -2.45
CA CYS A 21 -2.03 -1.26 -2.03
C CYS A 21 -1.93 -1.19 -0.51
N ABA A 22 -0.88 -0.56 -0.01
CA ABA A 22 -0.94 0.41 1.10
C ABA A 22 -1.81 0.01 2.34
O ABA A 22 -2.12 0.92 3.12
CB ABA A 22 0.57 0.58 1.47
CG ABA A 22 1.49 0.43 0.22
H ABA A 22 -0.37 -0.25 -0.84
HA ABA A 22 -1.34 1.37 0.76
HB2 ABA A 22 0.76 1.59 1.87
HG1 ABA A 22 1.14 1.02 -0.64
HG3 ABA A 22 1.57 -0.62 -0.10
HG2 ABA A 22 2.52 0.75 0.44
N VAL A 23 -2.22 -1.25 2.50
CA VAL A 23 -3.08 -1.64 3.61
C VAL A 23 -2.26 -1.90 4.87
N ABA A 24 -2.90 -1.78 6.01
CA ABA A 24 -2.78 -2.74 7.14
C ABA A 24 -1.38 -2.90 7.82
O ABA A 24 -0.50 -2.12 7.46
CB ABA A 24 -3.87 -2.20 8.14
CG ABA A 24 -5.21 -1.88 7.42
H ABA A 24 -3.85 -1.52 5.75
HA ABA A 24 -3.09 -3.75 6.81
HB2 ABA A 24 -4.11 -2.97 8.90
HG1 ABA A 24 -6.07 -1.88 8.11
HG3 ABA A 24 -5.42 -2.60 6.61
HG2 ABA A 24 -5.18 -0.89 6.94
N LYS A 25 -1.20 -3.82 8.75
CA LYS A 25 0.08 -3.98 9.44
C LYS A 25 1.21 -4.20 8.43
N GLU A 26 0.85 -4.41 7.18
CA GLU A 26 1.83 -4.63 6.13
C GLU A 26 2.48 -3.31 5.70
N CYS A 27 1.71 -2.22 5.76
CA CYS A 27 2.20 -0.91 5.38
C CYS A 27 2.52 -0.08 6.63
N MET A 28 1.60 -0.10 7.59
CA MET A 28 1.78 0.66 8.83
C MET A 28 1.76 -0.27 10.04
N PRO A 29 2.75 -0.12 10.92
CA PRO A 29 2.86 -0.93 12.13
C PRO A 29 1.77 -0.60 13.16
N SER A 30 1.34 0.66 13.16
CA SER A 30 0.32 1.11 14.09
C SER A 30 -1.07 1.05 13.44
N CYS A 31 -1.16 0.36 12.30
CA CYS A 31 -2.42 0.24 11.59
C CYS A 31 -3.56 -0.06 12.54
N ASN A 32 -4.35 0.96 12.86
CA ASN A 32 -5.47 0.80 13.77
C ASN A 32 -6.73 0.40 13.01
C4 2KT A 1 14.77 -8.99 -5.62
C3 2KT A 1 14.55 -9.06 -6.88
C2 2KT A 1 14.45 -7.95 -7.48
O3 2KT A 1 15.32 -7.54 -8.25
C 2KT A 1 13.37 -7.17 -7.25
O 2KT A 1 12.52 -7.57 -6.46
H41 2KT A 1 15.50 -8.39 -5.27
H42 2KT A 1 14.05 -8.66 -5.00
H43 2KT A 1 15.02 -9.81 -5.09
H31 2KT A 1 15.32 -9.68 -7.09
H32 2KT A 1 13.83 -9.75 -6.98
N ILE A 2 13.27 -6.01 -7.89
CA ILE A 2 12.13 -5.13 -7.69
C ILE A 2 10.90 -5.66 -8.41
N ABA A 3 10.02 -6.30 -7.66
CA ABA A 3 8.55 -6.09 -7.74
C ABA A 3 7.64 -7.36 -7.71
O ABA A 3 6.43 -7.19 -7.89
CB ABA A 3 8.29 -5.13 -6.53
CG ABA A 3 9.47 -4.15 -6.29
H ABA A 3 10.42 -6.27 -6.73
HA ABA A 3 8.29 -5.55 -8.68
HB2 ABA A 3 7.40 -4.50 -6.73
HG1 ABA A 3 10.26 -4.58 -5.65
HG3 ABA A 3 9.13 -3.22 -5.83
HG2 ABA A 3 9.94 -3.86 -7.25
N LEU A 4 8.18 -8.56 -7.54
CA LEU A 4 7.37 -9.78 -7.56
C LEU A 4 6.98 -10.18 -6.14
N DHA A 5 5.68 -10.41 -5.94
CA DHA A 5 5.22 -10.79 -4.71
CB DHA A 5 5.61 -11.95 -4.17
C DHA A 5 4.28 -9.98 -4.03
O DHA A 5 3.08 -10.00 -4.31
H DHA A 5 5.10 -10.30 -6.71
HB1 DHA A 5 6.31 -12.57 -4.69
HB2 DHA A 5 5.21 -12.27 -3.23
N DBU A 6 4.80 -9.12 -3.15
CA DBU A 6 3.99 -8.25 -2.50
CB DBU A 6 2.99 -8.71 -1.71
CG DBU A 6 2.79 -10.19 -1.59
C DBU A 6 4.20 -6.76 -2.65
O DBU A 6 3.39 -5.95 -2.24
H DBU A 6 5.77 -9.18 -3.00
HB DBU A 6 2.35 -8.02 -1.19
HG1 DBU A 6 2.16 -10.55 -2.38
HG2 DBU A 6 2.33 -10.40 -0.63
HG3 DBU A 6 3.74 -10.69 -1.65
N CYS A 7 5.35 -6.40 -3.22
CA CYS A 7 5.71 -5.00 -3.40
C CYS A 7 5.02 -4.42 -4.63
N ALA A 8 4.48 -5.29 -5.46
CA ALA A 8 3.78 -4.86 -6.67
C ALA A 8 2.28 -5.03 -6.54
N ILE A 9 1.85 -5.55 -5.40
CA ILE A 9 0.43 -5.76 -5.13
C ILE A 9 -0.17 -4.60 -4.34
N LEU A 10 0.52 -4.21 -3.28
CA LEU A 10 0.06 -3.12 -2.43
C LEU A 10 0.75 -1.80 -2.82
N DAL A 11 1.27 -1.77 -4.03
CA DAL A 11 1.96 -0.57 -4.52
CB DAL A 11 3.09 -0.19 -3.58
C DAL A 11 0.99 0.59 -4.67
O DAL A 11 1.37 1.75 -4.52
H DAL A 11 1.21 -2.55 -4.61
HA DAL A 11 2.38 -0.81 -5.49
HB1 DAL A 11 3.64 0.63 -3.99
HB2 DAL A 11 3.75 -1.04 -3.46
N LYS A 12 -0.26 0.27 -4.98
CA LYS A 12 -1.29 1.30 -5.15
C LYS A 12 -2.63 0.82 -4.61
N PRO A 13 -3.43 1.77 -4.08
CA PRO A 13 -4.75 1.46 -3.52
C PRO A 13 -5.76 1.07 -4.59
N LEU A 14 -7.02 0.95 -4.19
CA LEU A 14 -8.09 0.58 -5.12
C LEU A 14 -8.21 1.61 -6.23
N GLY A 15 -9.30 1.53 -6.98
CA GLY A 15 -9.53 2.46 -8.07
C GLY A 15 -8.36 2.54 -9.02
N ASN A 16 -7.94 3.75 -9.36
CA ASN A 16 -6.82 3.95 -10.27
C ASN A 16 -5.86 5.00 -9.73
N ASN A 17 -5.96 5.27 -8.44
CA ASN A 17 -5.09 6.26 -7.80
C ASN A 17 -3.62 5.96 -8.05
N GLY A 18 -2.75 6.73 -7.44
CA GLY A 18 -1.32 6.53 -7.61
C GLY A 18 -0.51 7.02 -6.42
N TYR A 19 -1.19 7.29 -5.32
CA TYR A 19 -0.53 7.77 -4.11
C TYR A 19 0.59 6.83 -3.69
N LEU A 20 1.18 7.11 -2.54
CA LEU A 20 2.27 6.28 -2.01
C LEU A 20 1.72 4.98 -1.44
N CYS A 21 2.62 4.04 -1.14
CA CYS A 21 2.24 2.75 -0.59
C CYS A 21 2.13 2.82 0.93
N ABA A 22 1.95 1.68 1.56
CA ABA A 22 2.68 1.27 2.79
C ABA A 22 2.68 2.27 3.99
O ABA A 22 3.37 1.98 4.96
CB ABA A 22 2.00 -0.10 3.14
CG ABA A 22 1.94 -1.06 1.92
H ABA A 22 1.93 0.98 0.80
HA ABA A 22 3.75 1.08 2.55
HB2 ABA A 22 2.57 -0.62 3.92
HG1 ABA A 22 0.94 -1.12 1.46
HG3 ABA A 22 2.25 -2.09 2.20
HG2 ABA A 22 2.65 -0.75 1.12
N VAL A 23 1.99 3.40 3.90
CA VAL A 23 2.00 4.38 4.98
C VAL A 23 0.98 4.04 6.06
N ABA A 24 1.32 4.32 7.30
CA ABA A 24 0.42 4.97 8.29
C ABA A 24 -0.85 4.17 8.73
O ABA A 24 -1.05 3.08 8.19
CB ABA A 24 1.40 5.26 9.48
CG ABA A 24 2.79 5.71 8.99
H ABA A 24 2.26 4.74 7.21
HA ABA A 24 0.05 5.93 7.89
HB2 ABA A 24 1.01 6.09 10.09
HG1 ABA A 24 3.36 6.28 9.75
HG3 ABA A 24 2.73 6.35 8.09
HG2 ABA A 24 3.43 4.86 8.69
N LYS A 25 -1.62 4.65 9.69
CA LYS A 25 -2.79 3.92 10.17
C LYS A 25 -3.60 3.36 9.00
N GLU A 26 -3.39 3.92 7.82
CA GLU A 26 -4.10 3.48 6.63
C GLU A 26 -3.53 2.17 6.11
N CYS A 27 -2.21 2.04 6.19
CA CYS A 27 -1.53 0.83 5.72
C CYS A 27 -1.11 -0.04 6.90
N MET A 28 -1.22 0.50 8.10
CA MET A 28 -0.85 -0.23 9.31
C MET A 28 -1.99 -0.22 10.33
N PRO A 29 -2.25 -1.38 10.93
CA PRO A 29 -3.31 -1.53 11.93
C PRO A 29 -2.98 -0.81 13.24
N SER A 30 -1.70 -0.63 13.50
CA SER A 30 -1.26 0.04 14.72
C SER A 30 -0.02 0.90 14.45
N CYS A 31 -0.14 1.82 13.50
CA CYS A 31 0.96 2.70 13.13
C CYS A 31 1.46 3.47 14.36
N ASN A 32 2.77 3.54 14.52
CA ASN A 32 3.38 4.25 15.64
C ASN A 32 3.96 5.58 15.19
C4 2KT A 1 1.57 -11.43 -2.42
C3 2KT A 1 1.12 -11.22 -3.61
C2 2KT A 1 0.05 -10.53 -3.64
O3 2KT A 1 -1.06 -11.07 -3.60
C 2KT A 1 0.11 -9.20 -3.74
O 2KT A 1 1.23 -8.67 -3.81
H41 2KT A 1 2.43 -11.95 -2.29
H42 2KT A 1 1.81 -10.66 -1.83
H43 2KT A 1 1.02 -11.94 -1.75
H31 2KT A 1 1.96 -10.85 -3.99
H32 2KT A 1 1.16 -12.11 -4.07
N ILE A 2 -1.02 -8.50 -3.73
CA ILE A 2 -1.01 -7.04 -3.83
C ILE A 2 -0.53 -6.41 -2.51
N ABA A 3 0.73 -6.01 -2.50
CA ABA A 3 1.18 -4.70 -1.95
C ABA A 3 2.46 -4.70 -1.05
O ABA A 3 2.74 -3.66 -0.48
CB ABA A 3 1.34 -3.84 -3.24
CG ABA A 3 0.35 -4.27 -4.36
H ABA A 3 1.08 -6.24 -3.43
HA ABA A 3 0.37 -4.25 -1.32
HB2 ABA A 3 1.11 -2.78 -3.03
HG1 ABA A 3 -0.63 -4.57 -3.98
HG3 ABA A 3 0.75 -5.12 -4.95
HG2 ABA A 3 0.20 -3.46 -5.09
N LEU A 4 3.16 -5.82 -0.91
CA LEU A 4 4.34 -5.87 -0.05
C LEU A 4 5.61 -5.61 -0.84
N DHA A 5 6.42 -4.67 -0.36
CA DHA A 5 7.59 -4.36 -0.99
CB DHA A 5 8.56 -5.27 -1.12
C DHA A 5 7.80 -3.04 -1.49
O DHA A 5 8.15 -2.13 -0.74
H DHA A 5 6.13 -4.23 0.46
HB1 DHA A 5 8.41 -6.27 -0.73
HB2 DHA A 5 9.50 -5.00 -1.57
N DBU A 6 7.50 -2.87 -2.77
CA DBU A 6 7.61 -1.63 -3.31
CB DBU A 6 8.76 -0.95 -3.26
CG DBU A 6 9.95 -1.59 -2.59
C DBU A 6 6.40 -1.00 -3.99
O DBU A 6 6.39 0.19 -4.33
H DBU A 6 7.23 -3.66 -3.27
HB DBU A 6 8.85 0.03 -3.70
HG1 DBU A 6 10.85 -1.31 -3.09
HG2 DBU A 6 9.83 -2.66 -2.61
HG3 DBU A 6 10.01 -1.25 -1.56
N CYS A 7 5.37 -1.82 -4.22
CA CYS A 7 4.16 -1.36 -4.89
C CYS A 7 3.33 -0.48 -3.96
N ALA A 8 3.02 -1.02 -2.79
CA ALA A 8 2.22 -0.28 -1.80
C ALA A 8 3.01 0.87 -1.20
N ILE A 9 4.32 0.85 -1.39
CA ILE A 9 5.19 1.90 -0.87
C ILE A 9 5.40 2.99 -1.91
N LEU A 10 5.67 2.59 -3.15
CA LEU A 10 5.89 3.54 -4.23
C LEU A 10 4.61 3.80 -5.00
N DAL A 11 3.48 3.73 -4.32
CA DAL A 11 2.18 3.94 -4.94
CB DAL A 11 1.07 3.47 -4.01
C DAL A 11 2.08 3.19 -6.27
O DAL A 11 2.44 2.01 -6.37
H DAL A 11 3.51 3.52 -3.35
HA DAL A 11 2.07 4.99 -5.13
HB1 DAL A 11 0.65 2.56 -4.39
HB2 DAL A 11 0.30 4.22 -3.98
N LYS A 12 1.60 3.88 -7.29
CA LYS A 12 1.45 3.29 -8.62
C LYS A 12 0.67 4.22 -9.54
N PRO A 13 1.10 4.29 -10.81
CA PRO A 13 0.45 5.14 -11.82
C PRO A 13 -0.93 4.62 -12.21
N LEU A 14 -1.83 5.53 -12.57
CA LEU A 14 -3.18 5.16 -12.96
C LEU A 14 -3.76 4.13 -12.02
N GLY A 15 -4.85 3.48 -12.44
CA GLY A 15 -5.48 2.47 -11.61
C GLY A 15 -6.78 2.96 -10.99
N ASN A 16 -7.88 2.27 -11.29
CA ASN A 16 -9.18 2.64 -10.75
C ASN A 16 -9.61 1.67 -9.65
N ASN A 17 -8.64 0.93 -9.11
CA ASN A 17 -8.92 -0.03 -8.05
C ASN A 17 -9.63 0.64 -6.87
N GLY A 18 -9.66 -0.04 -5.73
CA GLY A 18 -10.30 0.50 -4.55
C GLY A 18 -9.39 0.51 -3.34
N TYR A 19 -8.10 0.27 -3.58
CA TYR A 19 -7.12 0.24 -2.49
C TYR A 19 -6.15 1.42 -2.61
N LEU A 20 -5.02 1.31 -1.92
CA LEU A 20 -4.01 2.37 -1.95
C LEU A 20 -2.68 1.85 -1.42
N CYS A 21 -1.78 2.78 -1.09
CA CYS A 21 -0.47 2.43 -0.56
C CYS A 21 -0.54 2.20 0.94
N ABA A 22 0.61 1.96 1.54
CA ABA A 22 1.03 2.59 2.83
C ABA A 22 0.03 2.50 4.02
O ABA A 22 0.33 3.11 5.05
CB ABA A 22 2.38 1.85 3.12
CG ABA A 22 3.34 1.85 1.90
H ABA A 22 1.30 1.99 0.79
HA ABA A 22 1.25 3.66 2.68
HB2 ABA A 22 2.93 2.36 3.93
HG1 ABA A 22 3.25 0.96 1.27
HG3 ABA A 22 4.40 1.94 2.21
HG2 ABA A 22 3.15 2.74 1.25
N VAL A 23 -1.11 1.83 3.89
CA VAL A 23 -2.09 1.78 4.97
C VAL A 23 -1.74 0.70 5.98
N ABA A 24 -2.02 0.95 7.24
CA ABA A 24 -2.66 -0.01 8.17
C ABA A 24 -1.87 -1.31 8.52
O ABA A 24 -0.79 -1.48 7.94
CB ABA A 24 -2.93 0.89 9.43
CG ABA A 24 -3.63 2.22 9.06
H ABA A 24 -2.44 1.89 7.21
HA ABA A 24 -3.64 -0.34 7.77
HB2 ABA A 24 -3.62 0.37 10.12
HG1 ABA A 24 -2.94 2.98 8.68
HG3 ABA A 24 -4.17 2.65 9.93
HG2 ABA A 24 -4.41 2.07 8.29
N LYS A 25 -2.34 -2.14 9.43
CA LYS A 25 -1.60 -3.35 9.82
C LYS A 25 -1.12 -4.11 8.60
N GLU A 26 -1.69 -3.78 7.44
CA GLU A 26 -1.31 -4.44 6.19
C GLU A 26 0.02 -3.88 5.66
N CYS A 27 0.21 -2.58 5.84
CA CYS A 27 1.43 -1.92 5.38
C CYS A 27 2.39 -1.68 6.54
N MET A 28 1.84 -1.37 7.71
CA MET A 28 2.65 -1.12 8.89
C MET A 28 2.16 -1.95 10.08
N PRO A 29 3.04 -2.77 10.64
CA PRO A 29 2.71 -3.63 11.79
C PRO A 29 2.50 -2.83 13.06
N SER A 30 3.15 -1.68 13.16
CA SER A 30 3.02 -0.82 14.33
C SER A 30 1.95 0.24 14.12
N CYS A 31 1.09 0.02 13.13
CA CYS A 31 0.01 0.95 12.82
C CYS A 31 -0.70 1.39 14.10
N ASN A 32 -0.51 2.65 14.46
CA ASN A 32 -1.13 3.20 15.67
C ASN A 32 -2.46 3.87 15.32
C4 2KT A 1 7.89 -9.02 -10.02
C3 2KT A 1 6.91 -9.54 -9.36
C2 2KT A 1 5.78 -9.43 -9.92
O3 2KT A 1 5.49 -10.10 -10.92
C 2KT A 1 4.87 -8.58 -9.43
O 2KT A 1 5.16 -7.95 -8.42
H41 2KT A 1 7.98 -8.03 -10.08
H42 2KT A 1 8.84 -9.21 -9.75
H43 2KT A 1 8.00 -9.22 -11.00
H31 2KT A 1 7.34 -10.44 -9.24
H32 2KT A 1 7.05 -9.22 -8.42
N ILE A 2 3.70 -8.46 -10.07
CA ILE A 2 2.68 -7.54 -9.59
C ILE A 2 2.09 -8.02 -8.26
N ABA A 3 2.54 -7.42 -7.17
CA ABA A 3 1.66 -6.95 -6.06
C ABA A 3 2.16 -7.24 -4.61
O ABA A 3 1.42 -6.87 -3.69
CB ABA A 3 1.54 -5.43 -6.36
CG ABA A 3 1.60 -5.12 -7.89
H ABA A 3 3.20 -6.73 -7.53
HA ABA A 3 0.66 -7.41 -6.15
HB2 ABA A 3 0.55 -5.06 -6.03
HG1 ABA A 3 2.64 -5.04 -8.26
HG3 ABA A 3 1.08 -4.17 -8.13
HG2 ABA A 3 1.10 -5.90 -8.48
N LEU A 4 3.29 -7.90 -4.40
CA LEU A 4 3.74 -8.24 -3.06
C LEU A 4 5.08 -7.54 -2.76
N DHA A 5 5.12 -6.85 -1.62
CA DHA A 5 6.26 -6.19 -1.24
CB DHA A 5 7.38 -6.88 -0.98
C DHA A 5 6.25 -4.79 -1.08
O DHA A 5 5.81 -4.26 -0.06
H DHA A 5 4.31 -6.84 -1.08
HB1 DHA A 5 7.40 -7.96 -1.09
HB2 DHA A 5 8.26 -6.37 -0.64
N DBU A 6 6.66 -4.09 -2.15
CA DBU A 6 6.63 -2.73 -2.11
CB DBU A 6 7.63 -2.04 -1.54
CG DBU A 6 8.79 -2.79 -0.94
C DBU A 6 5.45 -2.00 -2.72
O DBU A 6 5.46 -0.78 -2.85
H DBU A 6 7.00 -4.61 -2.90
HB DBU A 6 7.59 -0.96 -1.52
HG1 DBU A 6 8.99 -2.40 0.05
HG2 DBU A 6 9.65 -2.66 -1.58
HG3 DBU A 6 8.54 -3.83 -0.87
N CYS A 7 4.43 -2.77 -3.11
CA CYS A 7 3.25 -2.20 -3.75
C CYS A 7 2.57 -1.19 -2.82
N ALA A 8 1.91 -1.70 -1.78
CA ALA A 8 1.22 -0.84 -0.83
C ALA A 8 2.20 0.08 -0.10
N ILE A 9 3.49 -0.14 -0.34
CA ILE A 9 4.52 0.67 0.29
C ILE A 9 4.96 1.81 -0.61
N LEU A 10 4.92 1.58 -1.92
CA LEU A 10 5.31 2.59 -2.89
C LEU A 10 4.09 3.36 -3.39
N DAL A 11 3.15 3.61 -2.51
CA DAL A 11 1.93 4.33 -2.85
CB DAL A 11 0.90 4.18 -1.74
C DAL A 11 1.35 3.81 -4.16
O DAL A 11 1.51 2.64 -4.52
H DAL A 11 3.27 3.30 -1.57
HA DAL A 11 2.18 5.37 -2.97
HB1 DAL A 11 0.89 5.10 -1.16
HB2 DAL A 11 1.19 3.37 -1.09
N LYS A 12 0.67 4.70 -4.88
CA LYS A 12 0.05 4.33 -6.16
C LYS A 12 0.05 5.52 -7.12
N PRO A 13 0.25 5.24 -8.41
CA PRO A 13 0.28 6.27 -9.45
C PRO A 13 -1.10 6.87 -9.71
N LEU A 14 -1.82 6.30 -10.66
CA LEU A 14 -3.16 6.77 -11.00
C LEU A 14 -4.22 5.95 -10.29
N GLY A 15 -5.47 6.07 -10.76
CA GLY A 15 -6.56 5.33 -10.17
C GLY A 15 -7.19 4.35 -11.14
N ASN A 16 -7.05 3.05 -10.84
CA ASN A 16 -7.62 2.01 -11.69
C ASN A 16 -8.62 1.17 -10.92
N ASN A 17 -9.10 1.70 -9.80
CA ASN A 17 -10.07 0.98 -8.98
C ASN A 17 -9.66 -0.47 -8.79
N GLY A 18 -9.01 -0.77 -7.68
CA GLY A 18 -8.57 -2.14 -7.40
C GLY A 18 -7.13 -2.20 -6.93
N TYR A 19 -6.52 -1.03 -6.72
CA TYR A 19 -5.14 -0.97 -6.27
C TYR A 19 -5.03 -1.34 -4.79
N LEU A 20 -3.89 -1.01 -4.20
CA LEU A 20 -3.65 -1.30 -2.79
C LEU A 20 -2.46 -0.52 -2.26
N CYS A 21 -2.74 0.65 -1.68
CA CYS A 21 -1.70 1.51 -1.14
C CYS A 21 -1.53 1.26 0.36
N ABA A 22 -0.78 2.14 1.01
CA ABA A 22 -1.15 2.72 2.32
C ABA A 22 -1.70 1.75 3.42
O ABA A 22 -2.30 2.25 4.37
CB ABA A 22 0.19 3.41 2.76
CG ABA A 22 1.01 3.92 1.54
H ABA A 22 -0.50 2.81 0.29
HA ABA A 22 -1.93 3.50 2.20
HB2 ABA A 22 -0.03 4.31 3.37
HG1 ABA A 22 0.45 4.64 0.92
HG3 ABA A 22 1.31 3.08 0.88
HG2 ABA A 22 1.94 4.41 1.85
N VAL A 23 -1.54 0.43 3.28
CA VAL A 23 -2.09 -0.51 4.25
C VAL A 23 -1.15 -0.67 5.44
N ABA A 24 -1.71 -1.06 6.57
CA ABA A 24 -1.14 -2.12 7.46
C ABA A 24 0.25 -1.82 8.12
O ABA A 24 0.71 -0.68 7.97
CB ABA A 24 -2.28 -2.30 8.51
CG ABA A 24 -3.68 -2.43 7.85
H ABA A 24 -2.70 -1.18 6.34
HA ABA A 24 -1.01 -3.07 6.90
HB2 ABA A 24 -2.12 -3.24 9.08
HG1 ABA A 24 -4.41 -2.94 8.48
HG3 ABA A 24 -3.61 -3.00 6.89
HG2 ABA A 24 -4.10 -1.45 7.58
N LYS A 25 0.85 -2.75 8.84
CA LYS A 25 2.12 -2.51 9.52
C LYS A 25 3.17 -2.01 8.52
N GLU A 26 2.86 -2.09 7.24
CA GLU A 26 3.77 -1.65 6.20
C GLU A 26 3.79 -0.12 6.10
N CYS A 27 2.65 0.49 6.37
CA CYS A 27 2.52 1.95 6.31
C CYS A 27 2.54 2.55 7.71
N MET A 28 1.79 1.95 8.62
CA MET A 28 1.71 2.43 9.99
C MET A 28 2.09 1.33 10.97
N PRO A 29 2.99 1.66 11.92
CA PRO A 29 3.46 0.72 12.93
C PRO A 29 2.38 0.36 13.94
N SER A 30 1.51 1.33 14.23
CA SER A 30 0.44 1.12 15.18
C SER A 30 -0.85 0.71 14.47
N CYS A 31 -0.72 0.25 13.24
CA CYS A 31 -1.86 -0.18 12.44
C CYS A 31 -2.86 -0.94 13.30
N ASN A 32 -3.88 -0.23 13.78
CA ASN A 32 -4.91 -0.82 14.62
C ASN A 32 -6.02 -1.43 13.76
C4 2KT A 1 6.06 -14.17 -2.57
C3 2KT A 1 5.17 -14.09 -3.50
C2 2KT A 1 3.97 -14.19 -3.07
O3 2KT A 1 3.40 -15.29 -2.99
C 2KT A 1 3.30 -13.10 -2.69
O 2KT A 1 3.86 -12.01 -2.80
H41 2KT A 1 6.37 -13.35 -2.09
H42 2KT A 1 5.90 -14.74 -1.76
H43 2KT A 1 6.98 -14.53 -2.79
H31 2KT A 1 5.49 -13.23 -3.88
H32 2KT A 1 5.49 -14.69 -4.23
N ILE A 2 2.07 -13.23 -2.21
CA ILE A 2 1.28 -12.08 -1.78
C ILE A 2 1.88 -11.44 -0.53
N ABA A 3 2.57 -10.33 -0.72
CA ABA A 3 2.45 -9.12 0.13
C ABA A 3 3.77 -8.43 0.60
O ABA A 3 3.67 -7.45 1.34
CB ABA A 3 1.57 -8.19 -0.77
CG ABA A 3 0.53 -8.98 -1.61
H ABA A 3 2.53 -10.18 -1.73
HA ABA A 3 1.89 -9.36 1.06
HB2 ABA A 3 0.97 -7.50 -0.13
HG1 ABA A 3 0.10 -9.83 -1.06
HG3 ABA A 3 1.00 -9.38 -2.53
HG2 ABA A 3 -0.29 -8.33 -1.94
N LEU A 4 4.95 -8.94 0.24
CA LEU A 4 6.20 -8.36 0.71
C LEU A 4 7.04 -7.86 -0.47
N DHA A 5 7.48 -6.60 -0.39
CA DHA A 5 8.24 -6.06 -1.40
CB DHA A 5 9.44 -6.57 -1.68
C DHA A 5 7.77 -4.92 -2.10
O DHA A 5 7.87 -3.79 -1.62
H DHA A 5 7.23 -6.11 0.41
HB1 DHA A 5 9.81 -7.43 -1.13
HB2 DHA A 5 10.06 -6.11 -2.43
N DBU A 6 7.15 -5.18 -3.24
CA DBU A 6 6.61 -4.16 -3.96
CB DBU A 6 7.40 -3.36 -4.70
CG DBU A 6 8.87 -3.61 -4.73
C DBU A 6 5.11 -3.92 -3.91
O DBU A 6 4.54 -3.22 -4.75
H DBU A 6 7.13 -6.12 -3.53
HB DBU A 6 6.96 -2.55 -5.27
HG1 DBU A 6 9.08 -4.59 -4.32
HG2 DBU A 6 9.37 -2.85 -4.13
HG3 DBU A 6 9.23 -3.58 -5.74
N CYS A 7 4.45 -4.54 -2.94
CA CYS A 7 3.00 -4.44 -2.79
C CYS A 7 2.59 -2.98 -2.61
N ALA A 8 2.63 -2.52 -1.36
CA ALA A 8 2.25 -1.15 -1.05
C ALA A 8 3.31 -0.17 -1.54
N ILE A 9 4.34 -0.69 -2.18
CA ILE A 9 5.42 0.14 -2.71
C ILE A 9 5.07 0.72 -4.08
N LEU A 10 4.29 -0.03 -4.85
CA LEU A 10 3.87 0.40 -6.18
C LEU A 10 2.59 1.21 -6.11
N DAL A 11 2.48 2.05 -5.09
CA DAL A 11 1.31 2.88 -4.91
CB DAL A 11 0.07 2.01 -4.75
C DAL A 11 1.12 3.83 -6.09
O DAL A 11 1.85 3.78 -7.07
H DAL A 11 3.21 2.11 -4.44
HA DAL A 11 1.45 3.47 -4.01
HB1 DAL A 11 0.38 0.99 -4.57
HB2 DAL A 11 -0.52 2.05 -5.66
N LYS A 12 0.12 4.71 -5.98
CA LYS A 12 -0.18 5.66 -7.04
C LYS A 12 -1.35 6.56 -6.65
N PRO A 13 -1.34 7.80 -7.16
CA PRO A 13 -2.40 8.78 -6.88
C PRO A 13 -3.72 8.41 -7.54
N LEU A 14 -4.63 9.37 -7.63
CA LEU A 14 -5.94 9.15 -8.23
C LEU A 14 -5.79 8.46 -9.59
N GLY A 15 -6.84 7.74 -9.99
CA GLY A 15 -6.80 7.05 -11.26
C GLY A 15 -7.12 5.57 -11.11
N ASN A 16 -8.39 5.23 -11.04
CA ASN A 16 -8.81 3.84 -10.90
C ASN A 16 -8.00 3.13 -9.82
N ASN A 17 -7.49 3.91 -8.87
CA ASN A 17 -6.69 3.37 -7.79
C ASN A 17 -7.45 2.25 -7.07
N GLY A 18 -6.78 1.62 -6.10
CA GLY A 18 -7.41 0.55 -5.35
C GLY A 18 -6.61 -0.74 -5.40
N TYR A 19 -5.39 -0.65 -5.93
CA TYR A 19 -4.52 -1.81 -6.03
C TYR A 19 -3.90 -2.16 -4.67
N LEU A 20 -2.84 -2.95 -4.71
CA LEU A 20 -2.16 -3.37 -3.48
C LEU A 20 -1.32 -2.22 -2.91
N CYS A 21 -1.99 -1.11 -2.59
CA CYS A 21 -1.31 0.05 -2.04
C CYS A 21 -1.22 -0.04 -0.52
N ABA A 22 -0.82 1.06 0.10
CA ABA A 22 -1.47 1.60 1.33
C ABA A 22 -1.83 0.59 2.46
O ABA A 22 -2.66 0.96 3.29
CB ABA A 22 -0.41 2.66 1.79
CG ABA A 22 0.38 3.26 0.61
H ABA A 22 -0.67 1.72 -0.65
HA ABA A 22 -2.41 2.12 1.07
HB2 ABA A 22 -0.92 3.51 2.27
HG1 ABA A 22 0.97 2.51 0.07
HG3 ABA A 22 1.09 4.06 0.95
HG2 ABA A 22 -0.28 3.75 -0.12
N VAL A 23 -1.30 -0.63 2.47
CA VAL A 23 -1.65 -1.62 3.47
C VAL A 23 -0.86 -1.42 4.76
N ABA A 24 -1.41 -1.88 5.86
CA ABA A 24 -0.68 -2.65 6.90
C ABA A 24 0.48 -1.91 7.66
O ABA A 24 0.61 -0.70 7.45
CB ABA A 24 -1.83 -3.09 7.85
CG ABA A 24 -3.04 -3.70 7.07
H ABA A 24 -2.30 -2.30 5.54
HA ABA A 24 -0.21 -3.55 6.45
HB2 ABA A 24 -1.48 -3.90 8.52
HG1 ABA A 24 -3.66 -4.36 7.68
HG3 ABA A 24 -2.70 -4.28 6.19
HG2 ABA A 24 -3.69 -2.90 6.66
N LYS A 25 1.23 -2.57 8.53
CA LYS A 25 2.28 -1.91 9.30
C LYS A 25 3.26 -1.20 8.37
N GLU A 26 3.14 -1.46 7.07
CA GLU A 26 4.02 -0.84 6.08
C GLU A 26 3.61 0.61 5.82
N CYS A 27 2.30 0.88 5.92
CA CYS A 27 1.78 2.22 5.69
C CYS A 27 1.45 2.91 7.01
N MET A 28 0.79 2.17 7.91
CA MET A 28 0.42 2.71 9.21
C MET A 28 0.98 1.84 10.33
N PRO A 29 1.62 2.49 11.32
CA PRO A 29 2.21 1.80 12.47
C PRO A 29 1.16 1.22 13.40
N SER A 30 0.02 1.90 13.49
CA SER A 30 -1.07 1.45 14.35
C SER A 30 -2.09 0.63 13.56
N CYS A 31 -1.67 0.13 12.41
CA CYS A 31 -2.54 -0.66 11.55
C CYS A 31 -3.39 -1.62 12.39
N ASN A 32 -4.62 -1.21 12.68
CA ASN A 32 -5.53 -2.03 13.47
C ASN A 32 -6.41 -2.88 12.57
C4 2KT A 1 6.11 -15.81 -3.23
C3 2KT A 1 4.82 -15.76 -3.15
C2 2KT A 1 4.37 -15.53 -1.98
O3 2KT A 1 4.08 -16.46 -1.22
C 2KT A 1 4.22 -14.27 -1.57
O 2KT A 1 4.49 -13.36 -2.34
H41 2KT A 1 6.66 -14.99 -3.09
H42 2KT A 1 6.62 -16.41 -2.61
H43 2KT A 1 6.55 -16.13 -4.08
H31 2KT A 1 4.70 -15.08 -3.88
H32 2KT A 1 4.50 -16.56 -3.67
N ILE A 2 3.76 -14.06 -0.33
CA ILE A 2 3.57 -12.71 0.18
C ILE A 2 4.88 -11.91 0.15
N ABA A 3 5.02 -11.07 -0.85
CA ABA A 3 5.53 -9.68 -0.71
C ABA A 3 6.57 -9.19 -1.77
O ABA A 3 7.01 -8.04 -1.63
CB ABA A 3 4.21 -8.85 -0.71
CG ABA A 3 3.02 -9.63 -0.11
H ABA A 3 4.15 -11.17 -1.39
HA ABA A 3 6.02 -9.56 0.27
HB2 ABA A 3 4.32 -7.94 -0.08
HG1 ABA A 3 3.30 -10.26 0.75
HG3 ABA A 3 2.54 -10.29 -0.87
HG2 ABA A 3 2.22 -8.95 0.23
N LEU A 4 6.97 -10.00 -2.73
CA LEU A 4 7.97 -9.59 -3.71
C LEU A 4 7.38 -9.56 -5.13
N DHA A 5 7.56 -8.44 -5.82
CA DHA A 5 7.07 -8.33 -7.10
CB DHA A 5 7.54 -9.12 -8.07
C DHA A 5 6.11 -7.33 -7.39
O DHA A 5 6.44 -6.15 -7.58
H DHA A 5 8.05 -7.73 -5.37
HB1 DHA A 5 8.28 -9.87 -7.84
HB2 DHA A 5 7.20 -8.99 -9.08
N DBU A 6 4.85 -7.74 -7.37
CA DBU A 6 3.85 -6.83 -7.59
CB DBU A 6 3.50 -6.48 -8.83
CG DBU A 6 4.23 -7.11 -9.99
C DBU A 6 3.13 -6.21 -6.40
O DBU A 6 2.11 -5.54 -6.54
H DBU A 6 4.69 -8.68 -7.22
HB DBU A 6 2.71 -5.77 -9.00
HG1 DBU A 6 4.30 -8.17 -9.85
HG2 DBU A 6 5.22 -6.68 -10.06
HG3 DBU A 6 3.69 -6.91 -10.90
N CYS A 7 3.67 -6.47 -5.20
CA CYS A 7 3.06 -5.97 -3.97
C CYS A 7 2.99 -4.45 -3.99
N ALA A 8 4.14 -3.80 -4.12
CA ALA A 8 4.21 -2.35 -4.16
C ALA A 8 3.28 -1.77 -5.23
N ILE A 9 2.82 -2.64 -6.12
CA ILE A 9 1.93 -2.22 -7.20
C ILE A 9 0.47 -2.45 -6.82
N LEU A 10 0.19 -3.63 -6.27
CA LEU A 10 -1.18 -3.97 -5.86
C LEU A 10 -1.39 -3.67 -4.39
N DAL A 11 -0.78 -2.60 -3.91
CA DAL A 11 -0.90 -2.22 -2.51
CB DAL A 11 -0.39 -3.33 -1.61
C DAL A 11 -2.36 -1.89 -2.16
O DAL A 11 -3.06 -2.72 -1.58
H DAL A 11 -0.22 -2.06 -4.51
HA DAL A 11 -0.30 -1.33 -2.37
HB1 DAL A 11 -0.90 -4.25 -1.86
HB2 DAL A 11 -0.60 -3.07 -0.58
N LYS A 12 -2.79 -0.68 -2.50
CA LYS A 12 -4.14 -0.25 -2.22
C LYS A 12 -4.92 -0.03 -3.51
N PRO A 13 -6.26 -0.11 -3.41
CA PRO A 13 -7.15 0.08 -4.56
C PRO A 13 -7.18 1.52 -5.05
N LEU A 14 -8.12 2.30 -4.52
CA LEU A 14 -8.25 3.71 -4.90
C LEU A 14 -7.32 4.58 -4.07
N GLY A 15 -7.57 5.88 -4.08
CA GLY A 15 -6.75 6.81 -3.32
C GLY A 15 -5.76 7.56 -4.20
N ASN A 16 -5.64 7.12 -5.45
CA ASN A 16 -4.72 7.76 -6.39
C ASN A 16 -3.38 8.06 -5.73
N ASN A 17 -2.42 7.14 -5.93
CA ASN A 17 -1.10 7.30 -5.35
C ASN A 17 -0.06 6.51 -6.15
N GLY A 18 -0.46 5.35 -6.64
CA GLY A 18 0.44 4.52 -7.41
C GLY A 18 1.77 4.29 -6.72
N TYR A 19 1.81 4.57 -5.42
CA TYR A 19 3.02 4.40 -4.64
C TYR A 19 3.20 2.95 -4.23
N LEU A 20 4.22 2.70 -3.41
CA LEU A 20 4.51 1.35 -2.94
C LEU A 20 3.28 0.73 -2.29
N CYS A 21 3.47 -0.41 -1.63
CA CYS A 21 2.37 -1.11 -0.97
C CYS A 21 2.17 -0.58 0.45
N ABA A 22 1.36 -1.27 1.22
CA ABA A 22 1.65 -1.61 2.63
C ABA A 22 2.05 -0.45 3.59
O ABA A 22 2.38 -0.75 4.74
CB ABA A 22 0.33 -2.33 3.07
CG ABA A 22 -0.11 -3.43 2.07
H ABA A 22 1.05 -2.05 0.62
HA ABA A 22 2.47 -2.34 2.69
HB2 ABA A 22 0.47 -2.84 4.05
HG1 ABA A 22 -0.49 -4.33 2.57
HG3 ABA A 22 0.73 -3.73 1.42
HG2 ABA A 22 -0.90 -3.07 1.39
N VAL A 23 2.07 0.80 3.15
CA VAL A 23 2.48 1.92 3.99
C VAL A 23 1.33 2.40 4.87
N ABA A 24 1.66 2.83 6.07
CA ABA A 24 1.12 4.07 6.69
C ABA A 24 -0.42 4.13 6.97
O ABA A 24 -1.09 3.17 6.60
CB ABA A 24 1.98 4.19 7.99
CG ABA A 24 3.49 4.03 7.71
H ABA A 24 2.68 2.72 6.10
HA ABA A 24 1.35 4.95 6.04
HB2 ABA A 24 1.85 5.18 8.46
HG1 ABA A 24 4.12 4.48 8.50
HG3 ABA A 24 3.78 4.50 6.76
HG2 ABA A 24 3.79 2.96 7.63
N LYS A 25 -0.93 5.16 7.61
CA LYS A 25 -2.35 5.23 7.94
C LYS A 25 -3.20 4.89 6.73
N GLU A 26 -2.59 4.90 5.56
CA GLU A 26 -3.29 4.59 4.31
C GLU A 26 -3.46 3.08 4.15
N CYS A 27 -2.46 2.32 4.58
CA CYS A 27 -2.50 0.88 4.49
C CYS A 27 -2.84 0.24 5.84
N MET A 28 -2.34 0.85 6.91
CA MET A 28 -2.59 0.36 8.25
C MET A 28 -3.09 1.48 9.16
N PRO A 29 -4.27 1.27 9.75
CA PRO A 29 -4.89 2.26 10.65
C PRO A 29 -4.15 2.38 11.97
N SER A 30 -3.49 1.30 12.38
CA SER A 30 -2.74 1.28 13.62
C SER A 30 -1.28 1.61 13.39
N CYS A 31 -0.99 2.18 12.22
CA CYS A 31 0.38 2.55 11.86
C CYS A 31 1.07 3.25 13.03
N ASN A 32 1.98 2.53 13.68
CA ASN A 32 2.73 3.08 14.80
C ASN A 32 4.07 3.64 14.35
C4 2KT A 1 13.88 -2.25 -0.34
C3 2KT A 1 13.57 -1.18 0.30
C2 2KT A 1 13.15 -0.23 -0.44
O3 2KT A 1 13.90 0.67 -0.80
C 2KT A 1 11.88 -0.21 -0.85
O 2KT A 1 11.13 -1.10 -0.45
H41 2KT A 1 14.13 -3.09 0.16
H42 2KT A 1 13.23 -2.67 -0.97
H43 2KT A 1 14.67 -2.25 -0.96
H31 2KT A 1 12.95 -1.61 0.95
H32 2KT A 1 14.33 -1.02 0.94
N ILE A 2 11.47 0.77 -1.66
CA ILE A 2 10.09 0.85 -2.12
C ILE A 2 9.79 -0.27 -3.13
N ABA A 3 9.17 -1.33 -2.65
CA ABA A 3 8.02 -2.00 -3.33
C ABA A 3 8.01 -3.56 -3.35
O ABA A 3 7.12 -4.10 -4.01
CB ABA A 3 6.79 -1.39 -2.57
CG ABA A 3 7.04 0.08 -2.13
H ABA A 3 9.04 -1.11 -1.66
HA ABA A 3 7.97 -1.67 -4.39
HB2 ABA A 3 5.91 -1.37 -3.22
HG1 ABA A 3 7.64 0.64 -2.85
HG3 ABA A 3 7.55 0.13 -1.15
HG2 ABA A 3 6.09 0.63 -2.01
N LEU A 4 8.96 -4.24 -2.72
CA LEU A 4 9.01 -5.69 -2.76
C LEU A 4 8.30 -6.29 -1.55
N DHA A 5 7.39 -7.23 -1.80
CA DHA A 5 6.69 -7.84 -0.80
CB DHA A 5 7.34 -8.59 0.11
C DHA A 5 5.29 -7.72 -0.74
O DHA A 5 4.55 -8.43 -1.45
H DHA A 5 7.25 -7.44 -2.76
HB1 DHA A 5 8.41 -8.69 0.06
HB2 DHA A 5 6.78 -9.10 0.86
N DBU A 6 4.82 -6.76 0.04
CA DBU A 6 3.48 -6.53 0.12
CB DBU A 6 2.65 -7.49 0.53
CG DBU A 6 3.22 -8.83 0.91
C DBU A 6 2.93 -5.18 -0.28
O DBU A 6 1.73 -4.98 -0.43
H DBU A 6 5.49 -6.26 0.56
HB DBU A 6 1.58 -7.30 0.58
HG1 DBU A 6 4.23 -8.71 1.25
HG2 DBU A 6 3.19 -9.49 0.05
HG3 DBU A 6 2.62 -9.25 1.71
N CYS A 7 3.84 -4.20 -0.44
CA CYS A 7 3.45 -2.84 -0.77
C CYS A 7 3.19 -2.72 -2.28
N ALA A 8 3.63 -3.72 -3.04
CA ALA A 8 3.44 -3.71 -4.48
C ALA A 8 2.37 -4.72 -4.90
N ILE A 9 1.83 -5.44 -3.91
CA ILE A 9 0.79 -6.44 -4.18
C ILE A 9 -0.59 -5.85 -3.97
N LEU A 10 -0.78 -5.18 -2.83
CA LEU A 10 -2.06 -4.58 -2.50
C LEU A 10 -2.09 -3.10 -2.88
N DAL A 11 -1.19 -2.72 -3.78
CA DAL A 11 -1.10 -1.34 -4.22
CB DAL A 11 -0.91 -0.41 -3.02
C DAL A 11 -2.36 -0.92 -4.99
O DAL A 11 -2.70 0.25 -5.07
H DAL A 11 -0.56 -3.37 -4.15
HA DAL A 11 -0.25 -1.25 -4.87
HB1 DAL A 11 -0.14 -0.82 -2.38
HB2 DAL A 11 -1.84 -0.36 -2.47
N LYS A 12 -3.03 -1.92 -5.57
CA LYS A 12 -4.25 -1.67 -6.34
C LYS A 12 -4.10 -0.40 -7.18
N PRO A 13 -3.46 -0.53 -8.35
CA PRO A 13 -3.24 0.60 -9.26
C PRO A 13 -4.54 1.06 -9.92
N LEU A 14 -4.41 1.83 -11.00
CA LEU A 14 -5.57 2.34 -11.71
C LEU A 14 -6.59 2.95 -10.75
N GLY A 15 -7.69 3.44 -11.29
CA GLY A 15 -8.73 4.05 -10.47
C GLY A 15 -8.21 5.22 -9.67
N ASN A 16 -8.02 5.02 -8.37
CA ASN A 16 -7.53 6.08 -7.51
C ASN A 16 -6.01 6.06 -7.41
N ASN A 17 -5.38 5.38 -8.37
CA ASN A 17 -3.92 5.28 -8.40
C ASN A 17 -3.28 6.67 -8.41
N GLY A 18 -2.00 6.73 -8.75
CA GLY A 18 -1.29 7.98 -8.79
C GLY A 18 -1.16 8.62 -7.41
N TYR A 19 -1.62 7.91 -6.39
CA TYR A 19 -1.56 8.41 -5.03
C TYR A 19 -0.65 7.54 -4.17
N LEU A 20 -0.59 7.83 -2.88
CA LEU A 20 0.24 7.07 -1.95
C LEU A 20 -0.39 5.72 -1.63
N CYS A 21 0.38 4.65 -1.80
CA CYS A 21 -0.11 3.30 -1.54
C CYS A 21 0.05 2.95 -0.06
N ABA A 22 -0.27 1.72 0.28
CA ABA A 22 0.54 0.87 1.19
C ABA A 22 1.12 1.53 2.48
O ABA A 22 2.09 1.00 3.01
CB ABA A 22 -0.44 -0.31 1.50
CG ABA A 22 -1.47 -0.53 0.35
H ABA A 22 -0.57 1.29 -0.60
HA ABA A 22 1.42 0.46 0.64
HB2 ABA A 22 0.11 -1.26 1.60
HG1 ABA A 22 -2.06 0.37 0.13
HG3 ABA A 22 -2.17 -1.35 0.60
HG2 ABA A 22 -0.97 -0.84 -0.57
N VAL A 23 0.59 2.66 2.94
CA VAL A 23 1.12 3.34 4.12
C VAL A 23 0.59 2.72 5.40
N ABA A 24 1.33 2.90 6.48
CA ABA A 24 0.78 3.28 7.81
C ABA A 24 -0.20 2.27 8.49
O ABA A 24 -0.41 1.21 7.92
CB ABA A 24 2.09 3.51 8.64
CG ABA A 24 3.14 4.33 7.86
H ABA A 24 2.12 3.45 6.15
HA ABA A 24 0.23 4.24 7.74
HB2 ABA A 24 1.86 4.10 9.55
HG1 ABA A 24 3.71 3.72 7.15
HG3 ABA A 24 3.86 4.82 8.55
HG2 ABA A 24 2.68 5.15 7.29
N LYS A 25 -0.74 2.58 9.68
CA LYS A 25 -1.62 1.65 10.37
C LYS A 25 -2.76 1.20 9.47
N GLU A 26 -2.90 1.85 8.32
CA GLU A 26 -3.94 1.51 7.37
C GLU A 26 -3.61 0.24 6.62
N CYS A 27 -2.33 0.01 6.37
CA CYS A 27 -1.87 -1.18 5.66
C CYS A 27 -1.32 -2.21 6.65
N MET A 28 -0.55 -1.75 7.62
CA MET A 28 0.05 -2.63 8.61
C MET A 28 -0.12 -2.05 10.02
N PRO A 29 -0.60 -2.89 10.94
CA PRO A 29 -0.82 -2.48 12.34
C PRO A 29 0.49 -2.26 13.09
N SER A 30 1.54 -2.95 12.65
CA SER A 30 2.85 -2.83 13.29
C SER A 30 3.66 -1.70 12.66
N CYS A 31 2.94 -0.68 12.18
CA CYS A 31 3.59 0.47 11.55
C CYS A 31 4.43 1.25 12.57
N ASN A 32 5.72 1.35 12.31
CA ASN A 32 6.63 2.06 13.19
C ASN A 32 7.80 2.65 12.42
C4 2KT A 1 7.10 0.66 8.27
C3 2KT A 1 8.06 1.46 7.94
C2 2KT A 1 7.66 2.62 7.59
O3 2KT A 1 7.79 3.60 8.33
C 2KT A 1 7.10 2.80 6.39
O 2KT A 1 6.94 1.82 5.67
H41 2KT A 1 6.21 0.73 7.82
H42 2KT A 1 7.23 -0.33 8.16
H43 2KT A 1 6.77 0.65 9.21
H31 2KT A 1 8.59 1.35 8.77
H32 2KT A 1 8.65 0.93 7.33
N ILE A 2 6.73 4.03 6.03
CA ILE A 2 6.12 4.29 4.73
C ILE A 2 6.99 3.79 3.59
N ABA A 3 6.86 2.51 3.26
CA ABA A 3 6.77 2.02 1.86
C ABA A 3 7.60 0.76 1.49
O ABA A 3 7.75 0.51 0.29
CB ABA A 3 5.23 1.79 1.69
CG ABA A 3 4.40 2.77 2.56
H ABA A 3 6.14 2.17 3.90
HA ABA A 3 7.08 2.81 1.16
HB2 ABA A 3 4.92 1.97 0.65
HG1 ABA A 3 4.86 3.76 2.64
HG3 ABA A 3 4.25 2.39 3.58
HG2 ABA A 3 3.38 2.92 2.15
N LEU A 4 8.17 0.03 2.45
CA LEU A 4 9.01 -1.12 2.15
C LEU A 4 8.24 -2.42 2.37
N DHA A 5 8.25 -3.29 1.35
CA DHA A 5 7.59 -4.50 1.45
CB DHA A 5 7.98 -5.40 2.35
C DHA A 5 6.53 -4.79 0.55
O DHA A 5 6.74 -5.19 -0.59
H DHA A 5 8.73 -3.01 0.56
HB1 DHA A 5 8.79 -5.18 3.02
HB2 DHA A 5 7.49 -6.35 2.39
N DBU A 6 5.31 -4.51 1.02
CA DBU A 6 4.22 -4.71 0.20
CB DBU A 6 3.97 -5.93 -0.30
CG DBU A 6 4.88 -7.07 0.05
C DBU A 6 3.33 -3.53 -0.13
O DBU A 6 2.41 -3.66 -0.94
H DBU A 6 5.25 -4.20 1.94
HB DBU A 6 3.11 -6.08 -0.94
HG1 DBU A 6 5.59 -7.22 -0.74
HG2 DBU A 6 4.29 -7.96 0.18
HG3 DBU A 6 5.40 -6.85 0.96
N CYS A 7 3.58 -2.40 0.51
CA CYS A 7 2.78 -1.21 0.31
C CYS A 7 3.26 -0.42 -0.91
N ALA A 8 4.54 -0.58 -1.23
CA ALA A 8 5.13 0.11 -2.38
C ALA A 8 5.14 -0.78 -3.61
N ILE A 9 4.66 -2.01 -3.45
CA ILE A 9 4.62 -2.96 -4.55
C ILE A 9 3.26 -2.97 -5.22
N LEU A 10 2.20 -3.03 -4.42
CA LEU A 10 0.84 -3.04 -4.94
C LEU A 10 0.25 -1.64 -4.93
N DAL A 11 1.11 -0.64 -5.06
CA DAL A 11 0.66 0.75 -5.07
CB DAL A 11 -0.12 1.06 -3.79
C DAL A 11 -0.21 1.04 -6.29
O DAL A 11 -0.54 0.15 -7.06
H DAL A 11 2.07 -0.83 -5.15
HA DAL A 11 1.54 1.37 -5.11
HB1 DAL A 11 0.27 1.97 -3.36
HB2 DAL A 11 0.03 0.25 -3.08
N LYS A 12 -0.59 2.31 -6.44
CA LYS A 12 -1.42 2.73 -7.56
C LYS A 12 -0.89 4.02 -8.18
N PRO A 13 -0.94 4.09 -9.52
CA PRO A 13 -0.47 5.27 -10.26
C PRO A 13 -1.37 6.48 -10.06
N LEU A 14 -1.23 7.47 -10.93
CA LEU A 14 -2.03 8.69 -10.86
C LEU A 14 -3.51 8.34 -10.73
N GLY A 15 -4.35 9.38 -10.66
CA GLY A 15 -5.78 9.18 -10.55
C GLY A 15 -6.16 8.52 -9.23
N ASN A 16 -7.02 7.50 -9.32
CA ASN A 16 -7.47 6.79 -8.12
C ASN A 16 -8.21 5.51 -8.50
N ASN A 17 -7.47 4.49 -8.90
CA ASN A 17 -8.07 3.22 -9.30
C ASN A 17 -8.87 2.63 -8.14
N GLY A 18 -8.17 1.99 -7.20
CA GLY A 18 -8.84 1.38 -6.06
C GLY A 18 -8.42 -0.06 -5.84
N TYR A 19 -7.32 -0.46 -6.47
CA TYR A 19 -6.80 -1.81 -6.35
C TYR A 19 -6.31 -2.08 -4.93
N LEU A 20 -5.73 -3.26 -4.72
CA LEU A 20 -5.21 -3.63 -3.41
C LEU A 20 -3.92 -2.88 -3.10
N CYS A 21 -4.05 -1.62 -2.71
CA CYS A 21 -2.90 -0.79 -2.38
C CYS A 21 -2.62 -0.82 -0.89
N ABA A 22 -1.74 0.06 -0.44
CA ABA A 22 -1.92 0.88 0.77
C ABA A 22 -2.48 0.17 2.05
O ABA A 22 -2.93 0.88 2.95
CB ABA A 22 -0.47 1.47 0.99
CG ABA A 22 0.31 1.59 -0.34
H ABA A 22 -1.44 0.56 -1.29
HA ABA A 22 -2.61 1.72 0.57
HB2 ABA A 22 -0.54 2.50 1.39
HG1 ABA A 22 1.32 2.00 -0.20
HG3 ABA A 22 -0.23 2.23 -1.07
HG2 ABA A 22 0.42 0.61 -0.84
N VAL A 23 -2.48 -1.16 2.12
CA VAL A 23 -3.03 -1.86 3.27
C VAL A 23 -2.01 -1.98 4.40
N ABA A 24 -2.48 -2.19 5.60
CA ABA A 24 -1.93 -3.17 6.56
C ABA A 24 -0.46 -2.97 7.05
O ABA A 24 0.15 -1.99 6.60
CB ABA A 24 -2.97 -3.10 7.73
CG ABA A 24 -4.38 -2.73 7.24
H ABA A 24 -3.50 -2.22 5.46
HA ABA A 24 -1.96 -4.19 6.12
HB2 ABA A 24 -3.07 -4.10 8.21
HG1 ABA A 24 -4.47 -1.67 6.94
HG3 ABA A 24 -5.15 -2.92 8.01
HG2 ABA A 24 -4.68 -3.33 6.36
N LYS A 25 0.07 -3.79 7.94
CA LYS A 25 1.42 -3.60 8.46
C LYS A 25 2.37 -3.18 7.34
N GLU A 26 2.01 -3.50 6.10
CA GLU A 26 2.83 -3.15 4.95
C GLU A 26 2.91 -1.64 4.77
N CYS A 27 1.76 -0.98 4.93
CA CYS A 27 1.69 0.47 4.78
C CYS A 27 1.62 1.16 6.14
N MET A 28 1.30 0.39 7.17
CA MET A 28 1.19 0.91 8.52
C MET A 28 2.23 0.27 9.43
N PRO A 29 2.90 1.11 10.25
CA PRO A 29 3.93 0.64 11.18
C PRO A 29 3.35 -0.17 12.33
N SER A 30 2.09 0.09 12.65
CA SER A 30 1.42 -0.61 13.74
C SER A 30 -0.06 -0.85 13.40
N CYS A 31 -0.30 -1.49 12.25
CA CYS A 31 -1.66 -1.79 11.81
C CYS A 31 -2.44 -2.50 12.90
N ASN A 32 -3.55 -1.91 13.33
CA ASN A 32 -4.39 -2.49 14.37
C ASN A 32 -5.64 -3.11 13.76
C4 2KT A 1 4.59 -12.05 -4.49
C3 2KT A 1 5.56 -12.40 -3.74
C2 2KT A 1 5.32 -12.26 -2.50
O3 2KT A 1 5.08 -13.23 -1.76
C 2KT A 1 5.34 -11.04 -1.94
O 2KT A 1 5.63 -10.08 -2.67
H41 2KT A 1 3.74 -12.59 -4.52
H42 2KT A 1 4.16 -11.15 -4.39
H43 2KT A 1 4.73 -12.00 -5.49
H31 2KT A 1 5.68 -13.32 -4.12
H32 2KT A 1 6.38 -11.99 -4.14
N ILE A 2 5.05 -10.90 -0.66
CA ILE A 2 5.06 -9.60 -0.01
C ILE A 2 6.45 -8.97 -0.04
N ABA A 3 6.73 -8.26 -1.11
CA ABA A 3 7.40 -6.93 -1.09
C ABA A 3 8.56 -6.69 -2.10
O ABA A 3 9.20 -5.64 -1.99
CB ABA A 3 6.20 -5.96 -1.31
CG ABA A 3 4.88 -6.51 -0.71
H ABA A 3 5.89 -8.32 -1.68
HA ABA A 3 7.83 -6.74 -0.07
HB2 ABA A 3 6.38 -5.00 -0.79
HG1 ABA A 3 4.32 -7.17 -1.41
HG3 ABA A 3 4.19 -5.70 -0.41
HG2 ABA A 3 5.06 -7.10 0.20
N LEU A 4 8.85 -7.62 -3.00
CA LEU A 4 9.97 -7.46 -3.93
C LEU A 4 9.49 -7.52 -5.38
N DHA A 5 9.85 -6.51 -6.17
CA DHA A 5 9.48 -6.46 -7.48
CB DHA A 5 9.91 -7.39 -8.33
C DHA A 5 8.67 -5.40 -7.94
O DHA A 5 9.15 -4.30 -8.23
H DHA A 5 10.40 -5.82 -5.74
HB1 DHA A 5 10.54 -8.20 -7.98
HB2 DHA A 5 9.65 -7.33 -9.38
N DBU A 6 7.36 -5.65 -7.98
CA DBU A 6 6.50 -4.67 -8.35
CB DBU A 6 6.34 -4.36 -9.65
CG DBU A 6 7.12 -5.12 -10.68
C DBU A 6 5.72 -3.91 -7.29
O DBU A 6 4.71 -3.25 -7.58
H DBU A 6 7.08 -6.56 -7.74
HB DBU A 6 5.64 -3.58 -9.94
HG1 DBU A 6 8.17 -4.91 -10.57
HG2 DBU A 6 6.79 -4.82 -11.67
HG3 DBU A 6 6.95 -6.18 -10.54
N CYS A 7 6.17 -4.03 -6.05
CA CYS A 7 5.51 -3.38 -4.93
C CYS A 7 5.52 -1.87 -5.08
N ALA A 8 6.71 -1.30 -5.19
CA ALA A 8 6.87 0.14 -5.34
C ALA A 8 6.07 0.65 -6.54
N ILE A 9 5.62 -0.27 -7.38
CA ILE A 9 4.85 0.09 -8.56
C ILE A 9 3.35 -0.04 -8.29
N LEU A 10 2.95 -1.17 -7.71
CA LEU A 10 1.54 -1.41 -7.40
C LEU A 10 1.24 -1.06 -5.95
N DAL A 11 2.11 -0.25 -5.35
CA DAL A 11 1.92 0.15 -3.97
CB DAL A 11 1.85 -1.07 -3.07
C DAL A 11 0.67 1.00 -3.80
O DAL A 11 -0.45 0.50 -3.84
H DAL A 11 2.88 0.09 -5.85
HA DAL A 11 2.79 0.74 -3.68
HB1 DAL A 11 2.72 -1.69 -3.24
HB2 DAL A 11 0.96 -1.64 -3.32
N LYS A 12 0.86 2.30 -3.58
CA LYS A 12 -0.25 3.23 -3.40
C LYS A 12 -0.41 4.14 -4.61
N PRO A 13 -0.84 3.55 -5.75
CA PRO A 13 -1.04 4.29 -6.99
C PRO A 13 -2.23 5.24 -6.91
N LEU A 14 -2.16 6.34 -7.64
CA LEU A 14 -3.23 7.34 -7.66
C LEU A 14 -3.97 7.32 -9.00
N GLY A 15 -5.17 7.89 -9.01
CA GLY A 15 -5.95 7.93 -10.23
C GLY A 15 -6.26 6.54 -10.77
N ASN A 16 -7.54 6.28 -11.00
CA ASN A 16 -7.96 4.97 -11.52
C ASN A 16 -7.25 3.84 -10.80
N ASN A 17 -7.91 3.27 -9.79
CA ASN A 17 -7.33 2.18 -9.02
C ASN A 17 -8.35 1.63 -8.02
N GLY A 18 -8.01 0.50 -7.40
CA GLY A 18 -8.90 -0.11 -6.43
C GLY A 18 -8.25 -0.24 -5.06
N TYR A 19 -7.57 -1.36 -4.85
CA TYR A 19 -6.90 -1.62 -3.58
C TYR A 19 -5.95 -0.48 -3.22
N LEU A 20 -5.07 -0.73 -2.26
CA LEU A 20 -4.11 0.27 -1.82
C LEU A 20 -2.98 -0.36 -1.02
N CYS A 21 -1.87 0.37 -0.87
CA CYS A 21 -0.73 -0.13 -0.12
C CYS A 21 -0.89 0.15 1.37
N ABA A 22 0.17 -0.06 2.12
CA ABA A 22 0.64 0.87 3.18
C ABA A 22 -0.44 1.47 4.14
O ABA A 22 -0.14 2.49 4.76
CB ABA A 22 1.70 -0.01 3.93
CG ABA A 22 2.37 -1.04 3.00
H ABA A 22 0.88 -0.38 1.46
HA ABA A 22 1.16 1.74 2.73
HB2 ABA A 22 2.52 0.64 4.31
HG1 ABA A 22 3.18 -1.61 3.49
HG3 ABA A 22 2.79 -0.57 2.09
HG2 ABA A 22 1.64 -1.79 2.63
N VAL A 23 -1.64 0.90 4.23
CA VAL A 23 -2.69 1.46 5.08
C VAL A 23 -2.53 1.01 6.52
N ABA A 24 -3.07 1.80 7.44
CA ABA A 24 -3.86 1.31 8.59
C ABA A 24 -3.13 0.40 9.63
O ABA A 24 -1.91 0.26 9.51
CB ABA A 24 -4.38 2.64 9.21
CG ABA A 24 -4.96 3.61 8.14
H ABA A 24 -3.48 2.55 6.90
HA ABA A 24 -4.73 0.72 8.23
HB2 ABA A 24 -5.22 2.44 9.91
HG1 ABA A 24 -5.66 4.34 8.55
HG3 ABA A 24 -5.48 3.05 7.33
HG2 ABA A 24 -4.16 4.18 7.64
N LYS A 25 -3.82 -0.15 10.64
CA LYS A 25 -3.18 -0.95 11.66
C LYS A 25 -2.39 -2.10 11.03
N GLU A 26 -2.59 -2.31 9.73
CA GLU A 26 -1.90 -3.37 9.01
C GLU A 26 -0.45 -2.99 8.73
N CYS A 27 -0.22 -1.70 8.52
CA CYS A 27 1.11 -1.21 8.23
C CYS A 27 1.73 -0.54 9.46
N MET A 28 0.94 0.29 10.13
CA MET A 28 1.40 0.99 11.32
C MET A 28 0.52 0.65 12.52
N PRO A 29 1.16 0.29 13.65
CA PRO A 29 0.45 -0.06 14.88
C PRO A 29 -0.21 1.14 15.54
N SER A 30 0.39 2.32 15.35
CA SER A 30 -0.14 3.55 15.92
C SER A 30 -1.01 4.29 14.92
N CYS A 31 -1.39 3.59 13.84
CA CYS A 31 -2.20 4.18 12.80
C CYS A 31 -3.36 4.97 13.40
N ASN A 32 -3.25 6.30 13.36
CA ASN A 32 -4.29 7.16 13.91
C ASN A 32 -4.53 8.36 12.99
C4 2KT A 1 13.80 -5.56 -4.20
C3 2KT A 1 13.45 -5.04 -5.32
C2 2KT A 1 13.32 -3.77 -5.27
O3 2KT A 1 14.29 -3.01 -5.32
C 2KT A 1 12.09 -3.22 -5.19
O 2KT A 1 11.12 -3.99 -5.18
H41 2KT A 1 14.73 -5.45 -3.85
H42 2KT A 1 13.32 -5.32 -3.36
H43 2KT A 1 13.74 -6.56 -4.08
H31 2KT A 1 14.18 -5.44 -5.87
H32 2KT A 1 12.70 -5.60 -5.66
N ILE A 2 11.98 -1.90 -5.10
CA ILE A 2 10.68 -1.26 -5.01
C ILE A 2 9.85 -1.49 -6.27
N ABA A 3 9.15 -2.61 -6.30
CA ABA A 3 7.74 -2.70 -6.77
C ABA A 3 7.36 -3.87 -7.72
O ABA A 3 6.28 -3.79 -8.30
CB ABA A 3 6.96 -2.76 -5.41
CG ABA A 3 7.69 -1.99 -4.27
H ABA A 3 9.36 -3.06 -5.41
HA ABA A 3 7.45 -1.76 -7.29
HB2 ABA A 3 5.97 -2.27 -5.51
HG1 ABA A 3 8.22 -1.09 -4.64
HG3 ABA A 3 8.44 -2.63 -3.76
HG2 ABA A 3 6.99 -1.67 -3.49
N LEU A 4 8.22 -4.86 -7.93
CA LEU A 4 7.94 -5.95 -8.86
C LEU A 4 7.47 -7.20 -8.11
N DHA A 5 6.33 -7.74 -8.53
CA DHA A 5 5.82 -8.87 -7.94
CB DHA A 5 6.50 -10.01 -7.99
C DHA A 5 4.56 -8.82 -7.31
O DHA A 5 3.51 -8.90 -7.95
H DHA A 5 5.89 -7.29 -9.28
HB1 DHA A 5 7.47 -10.05 -8.48
HB2 DHA A 5 6.08 -10.90 -7.57
N DBU A 6 4.58 -8.59 -6.00
CA DBU A 6 3.41 -8.47 -5.31
CB DBU A 6 2.52 -9.47 -5.30
CG DBU A 6 2.83 -10.73 -6.06
C DBU A 6 3.12 -7.18 -4.56
O DBU A 6 2.02 -6.98 -4.05
H DBU A 6 5.47 -8.55 -5.57
HB DBU A 6 1.60 -9.37 -4.76
HG1 DBU A 6 2.39 -11.58 -5.57
HG2 DBU A 6 3.91 -10.87 -6.09
HG3 DBU A 6 2.45 -10.66 -7.06
N CYS A 7 4.13 -6.33 -4.46
CA CYS A 7 4.00 -5.07 -3.74
C CYS A 7 3.30 -4.02 -4.59
N ALA A 8 2.85 -4.43 -5.77
CA ALA A 8 2.16 -3.53 -6.69
C ALA A 8 0.89 -4.16 -7.22
N ILE A 9 0.61 -5.37 -6.79
CA ILE A 9 -0.59 -6.09 -7.23
C ILE A 9 -1.71 -5.98 -6.20
N LEU A 10 -1.38 -6.26 -4.95
CA LEU A 10 -2.35 -6.19 -3.87
C LEU A 10 -2.25 -4.85 -3.13
N DAL A 11 -2.13 -3.77 -3.89
CA DAL A 11 -2.03 -2.44 -3.31
CB DAL A 11 -3.14 -2.23 -2.30
C DAL A 11 -2.09 -1.37 -4.39
O DAL A 11 -2.62 -1.58 -5.47
H DAL A 11 -2.10 -3.87 -4.87
HA DAL A 11 -1.08 -2.38 -2.80
HB1 DAL A 11 -4.05 -2.63 -2.70
HB2 DAL A 11 -3.27 -1.16 -2.13
N LYS A 12 -1.53 -0.20 -4.08
CA LYS A 12 -1.53 0.92 -5.02
C LYS A 12 -2.82 0.97 -5.81
N PRO A 13 -3.87 1.52 -5.20
CA PRO A 13 -5.20 1.64 -5.83
C PRO A 13 -5.21 2.66 -6.96
N LEU A 14 -6.39 3.09 -7.36
CA LEU A 14 -6.54 4.07 -8.42
C LEU A 14 -6.30 5.48 -7.91
N GLY A 15 -6.72 6.47 -8.69
CA GLY A 15 -6.54 7.85 -8.28
C GLY A 15 -5.12 8.15 -7.84
N ASN A 16 -4.93 8.31 -6.54
CA ASN A 16 -3.60 8.61 -6.00
C ASN A 16 -3.02 7.38 -5.31
N ASN A 17 -1.97 7.59 -4.51
CA ASN A 17 -1.32 6.51 -3.79
C ASN A 17 -1.09 5.31 -4.71
N GLY A 18 0.13 5.22 -5.24
CA GLY A 18 0.46 4.12 -6.14
C GLY A 18 1.55 3.22 -5.58
N TYR A 19 1.82 3.37 -4.29
CA TYR A 19 2.84 2.57 -3.62
C TYR A 19 2.26 1.27 -3.09
N LEU A 20 3.09 0.50 -2.38
CA LEU A 20 2.65 -0.76 -1.81
C LEU A 20 1.32 -0.61 -1.08
N CYS A 21 0.79 -1.73 -0.58
CA CYS A 21 -0.47 -1.71 0.14
C CYS A 21 -0.26 -1.36 1.61
N ABA A 22 -1.31 -1.47 2.39
CA ABA A 22 -1.29 -2.10 3.74
C ABA A 22 -0.22 -1.58 4.75
O ABA A 22 -0.13 -2.17 5.84
CB ABA A 22 -2.76 -1.86 4.24
CG ABA A 22 -3.81 -2.30 3.19
H ABA A 22 -2.06 -1.80 1.77
HA ABA A 22 -1.12 -3.19 3.66
HB2 ABA A 22 -2.95 -2.48 5.14
HG1 ABA A 22 -4.83 -2.38 3.61
HG3 ABA A 22 -3.55 -3.29 2.74
HG2 ABA A 22 -3.85 -1.60 2.33
N VAL A 23 0.58 -0.57 4.42
CA VAL A 23 1.63 -0.09 5.31
C VAL A 23 1.07 0.89 6.33
N ABA A 24 1.62 0.86 7.53
CA ABA A 24 2.00 2.07 8.30
C ABA A 24 0.86 3.05 8.73
O ABA A 24 -0.28 2.79 8.35
CB ABA A 24 2.74 1.44 9.53
CG ABA A 24 3.81 0.40 9.11
H ABA A 24 2.32 0.13 7.47
HA ABA A 24 2.72 2.68 7.73
HB2 ABA A 24 3.29 2.23 10.09
HG1 ABA A 24 4.59 0.25 9.86
HG3 ABA A 24 4.32 0.71 8.17
HG2 ABA A 24 3.36 -0.58 8.89
N LYS A 25 1.13 4.08 9.52
CA LYS A 25 0.09 4.99 9.98
C LYS A 25 -0.81 5.42 8.82
N GLU A 26 -0.35 5.19 7.60
CA GLU A 26 -1.10 5.55 6.41
C GLU A 26 -2.21 4.53 6.14
N CYS A 27 -1.91 3.27 6.40
CA CYS A 27 -2.86 2.19 6.19
C CYS A 27 -3.50 1.76 7.51
N MET A 28 -2.71 1.76 8.57
CA MET A 28 -3.20 1.37 9.89
C MET A 28 -2.86 2.43 10.93
N PRO A 29 -3.89 2.95 11.61
CA PRO A 29 -3.73 3.98 12.63
C PRO A 29 -3.05 3.44 13.89
N SER A 30 -3.23 2.14 14.15
CA SER A 30 -2.64 1.49 15.32
C SER A 30 -1.31 0.86 14.96
N CYS A 31 -0.75 1.26 13.83
CA CYS A 31 0.53 0.71 13.37
C CYS A 31 1.54 0.66 14.52
N ASN A 32 2.18 -0.49 14.69
CA ASN A 32 3.17 -0.67 15.75
C ASN A 32 4.56 -0.28 15.27
C4 2KT A 1 10.50 0.23 4.39
C3 2KT A 1 9.53 0.42 5.21
C2 2KT A 1 8.87 1.49 5.00
O3 2KT A 1 9.12 2.54 5.60
C 2KT A 1 7.89 1.50 4.09
O 2KT A 1 7.63 0.44 3.51
H41 2KT A 1 11.15 0.96 4.19
H42 2KT A 1 11.18 -0.48 4.57
H43 2KT A 1 10.31 -0.03 3.44
H31 2KT A 1 9.09 -0.46 5.08
H32 2KT A 1 9.91 0.25 6.11
N ILE A 2 7.24 2.64 3.84
CA ILE A 2 6.16 2.70 2.86
C ILE A 2 6.68 2.46 1.45
N ABA A 3 6.78 1.21 1.07
CA ABA A 3 6.33 0.70 -0.26
C ABA A 3 7.29 -0.29 -1.01
O ABA A 3 7.06 -0.49 -2.19
CB ABA A 3 4.95 0.04 0.09
CG ABA A 3 4.24 0.76 1.27
H ABA A 3 6.45 0.68 1.88
HA ABA A 3 6.16 1.54 -0.95
HB2 ABA A 3 4.26 0.13 -0.77
HG1 ABA A 3 4.42 1.84 1.28
HG3 ABA A 3 4.57 0.34 2.25
HG2 ABA A 3 3.16 0.61 1.24
N LEU A 4 8.33 -0.81 -0.37
CA LEU A 4 9.28 -1.68 -1.05
C LEU A 4 9.01 -3.15 -0.71
N DHA A 5 8.89 -3.98 -1.75
CA DHA A 5 8.65 -5.31 -1.57
CB DHA A 5 9.55 -6.07 -0.94
C DHA A 5 7.46 -5.89 -2.07
O DHA A 5 7.36 -6.21 -3.26
H DHA A 5 8.98 -3.57 -2.63
HB1 DHA A 5 10.46 -5.64 -0.56
HB2 DHA A 5 9.38 -7.13 -0.83
N DBU A 6 6.45 -5.97 -1.21
CA DBU A 6 5.25 -6.46 -1.63
CB DBU A 6 5.16 -7.70 -2.14
CG DBU A 6 6.40 -8.54 -2.23
C DBU A 6 4.01 -5.59 -1.52
O DBU A 6 2.92 -5.96 -1.98
H DBU A 6 6.64 -5.68 -0.29
HB DBU A 6 4.20 -8.09 -2.46
HG1 DBU A 6 6.79 -8.48 -3.24
HG2 DBU A 6 6.15 -9.57 -2.00
HG3 DBU A 6 7.14 -8.18 -1.54
N CYS A 7 4.17 -4.44 -0.88
CA CYS A 7 3.06 -3.52 -0.67
C CYS A 7 2.85 -2.63 -1.89
N ALA A 8 3.61 -2.90 -2.95
CA ALA A 8 3.50 -2.12 -4.18
C ALA A 8 3.42 -3.04 -5.40
N ILE A 9 3.44 -4.34 -5.15
CA ILE A 9 3.36 -5.32 -6.23
C ILE A 9 1.93 -5.80 -6.44
N LEU A 10 1.26 -6.16 -5.35
CA LEU A 10 -0.11 -6.63 -5.42
C LEU A 10 -1.10 -5.50 -5.14
N DAL A 11 -0.63 -4.27 -5.29
CA DAL A 11 -1.47 -3.10 -5.06
CB DAL A 11 -2.03 -3.15 -3.64
C DAL A 11 -2.61 -3.03 -6.06
O DAL A 11 -3.77 -2.82 -5.69
H DAL A 11 0.31 -4.14 -5.58
HA DAL A 11 -0.84 -2.22 -5.16
HB1 DAL A 11 -1.31 -3.63 -3.00
HB2 DAL A 11 -2.95 -3.71 -3.65
N LYS A 12 -2.28 -3.19 -7.33
CA LYS A 12 -3.28 -3.14 -8.40
C LYS A 12 -4.37 -2.11 -8.07
N PRO A 13 -3.95 -0.86 -7.89
CA PRO A 13 -4.87 0.24 -7.57
C PRO A 13 -5.76 0.61 -8.75
N LEU A 14 -6.53 1.67 -8.60
CA LEU A 14 -7.43 2.13 -9.65
C LEU A 14 -6.71 3.06 -10.63
N GLY A 15 -7.48 3.80 -11.41
CA GLY A 15 -6.89 4.72 -12.37
C GLY A 15 -6.76 6.13 -11.81
N ASN A 16 -7.20 6.32 -10.58
CA ASN A 16 -7.13 7.63 -9.94
C ASN A 16 -5.76 7.84 -9.29
N ASN A 17 -4.84 8.41 -10.05
CA ASN A 17 -3.49 8.67 -9.56
C ASN A 17 -3.53 9.48 -8.26
N GLY A 18 -2.39 9.55 -7.57
CA GLY A 18 -2.32 10.29 -6.33
C GLY A 18 -2.69 9.44 -5.12
N TYR A 19 -2.80 8.13 -5.34
CA TYR A 19 -3.15 7.21 -4.26
C TYR A 19 -1.98 6.30 -3.92
N LEU A 20 -2.23 5.32 -3.06
CA LEU A 20 -1.20 4.37 -2.65
C LEU A 20 -1.81 3.14 -1.98
N CYS A 21 -1.13 2.01 -2.10
CA CYS A 21 -1.61 0.77 -1.50
C CYS A 21 -1.20 0.67 -0.03
N ABA A 22 -1.38 -0.49 0.54
CA ABA A 22 -0.38 -1.16 1.42
C ABA A 22 0.34 -0.28 2.49
O ABA A 22 1.40 -0.71 2.95
CB ABA A 22 -1.23 -2.31 2.06
CG ABA A 22 -2.39 -2.77 1.14
H ABA A 22 -1.78 -1.08 -0.19
HA ABA A 22 0.43 -1.62 0.81
HB2 ABA A 22 -0.60 -3.21 2.23
HG1 ABA A 22 -2.05 -3.00 0.11
HG3 ABA A 22 -3.18 -2.00 1.08
HG2 ABA A 22 -2.89 -3.67 1.54
N VAL A 23 -0.16 0.91 2.83
CA VAL A 23 0.51 1.78 3.77
C VAL A 23 0.18 1.39 5.21
N ABA A 24 1.05 1.77 6.13
CA ABA A 24 0.67 2.37 7.44
C ABA A 24 -0.18 1.49 8.41
O ABA A 24 -0.45 0.35 8.05
CB ABA A 24 2.06 2.75 8.03
CG ABA A 24 3.04 3.29 6.94
H ABA A 24 1.77 2.26 5.60
HA ABA A 24 0.09 3.29 7.27
HB2 ABA A 24 1.95 3.58 8.76
HG1 ABA A 24 2.55 3.96 6.22
HG3 ABA A 24 3.49 2.46 6.37
HG2 ABA A 24 3.88 3.84 7.39
N LYS A 25 -0.52 1.97 9.60
CA LYS A 25 -1.27 1.16 10.57
C LYS A 25 -2.46 0.48 9.90
N GLU A 26 -2.82 0.96 8.71
CA GLU A 26 -3.94 0.39 7.96
C GLU A 26 -3.60 -1.00 7.44
N CYS A 27 -2.34 -1.18 7.03
CA CYS A 27 -1.90 -2.46 6.49
C CYS A 27 -1.08 -3.22 7.54
N MET A 28 -0.29 -2.49 8.31
CA MET A 28 0.54 -3.09 9.35
C MET A 28 0.02 -2.73 10.74
N PRO A 29 0.43 -3.51 11.75
CA PRO A 29 0.02 -3.30 13.14
C PRO A 29 0.65 -2.04 13.74
N SER A 30 1.83 -2.19 14.33
CA SER A 30 2.52 -1.07 14.94
C SER A 30 3.30 -0.28 13.89
N CYS A 31 2.75 -0.21 12.68
CA CYS A 31 3.40 0.51 11.59
C CYS A 31 4.16 1.73 12.12
N ASN A 32 5.47 1.57 12.28
CA ASN A 32 6.32 2.65 12.78
C ASN A 32 7.65 2.67 12.03
C4 2KT A 1 7.83 -9.66 -9.46
C3 2KT A 1 8.49 -8.86 -10.22
C2 2KT A 1 7.82 -8.35 -11.16
O3 2KT A 1 7.91 -8.77 -12.32
C 2KT A 1 6.97 -7.34 -10.92
O 2KT A 1 6.86 -6.97 -9.75
H41 2KT A 1 8.32 -10.25 -8.81
H42 2KT A 1 7.16 -9.29 -8.82
H43 2KT A 1 7.25 -10.36 -9.86
H31 2KT A 1 8.86 -8.28 -9.49
H32 2KT A 1 9.34 -9.34 -10.43
N ILE A 2 6.29 -6.79 -11.92
CA ILE A 2 5.36 -5.70 -11.71
C ILE A 2 4.13 -6.16 -10.94
N ABA A 3 3.93 -5.60 -9.77
CA ABA A 3 2.61 -5.10 -9.30
C ABA A 3 2.17 -5.50 -7.84
O ABA A 3 1.13 -4.99 -7.41
CB ABA A 3 2.75 -3.56 -9.48
CG ABA A 3 3.37 -3.18 -10.85
H ABA A 3 4.71 -4.95 -9.67
HA ABA A 3 1.81 -5.47 -9.96
HB2 ABA A 3 1.76 -3.07 -9.44
HG1 ABA A 3 3.51 -2.10 -10.98
HG3 ABA A 3 2.74 -3.54 -11.68
HG2 ABA A 3 4.35 -3.66 -11.00
N LEU A 4 2.88 -6.39 -7.16
CA LEU A 4 2.47 -6.84 -5.83
C LEU A 4 3.54 -6.49 -4.80
N DHA A 5 3.12 -5.81 -3.72
CA DHA A 5 3.99 -5.45 -2.72
CB DHA A 5 4.62 -6.39 -2.01
C DHA A 5 4.20 -4.09 -2.43
O DHA A 5 3.40 -3.46 -1.72
H DHA A 5 2.17 -5.61 -3.69
HB1 DHA A 5 4.45 -7.44 -2.23
HB2 DHA A 5 5.26 -6.11 -1.20
N DBU A 6 5.23 -3.52 -3.03
CA DBU A 6 5.48 -2.19 -2.85
CB DBU A 6 6.11 -1.76 -1.76
CG DBU A 6 6.55 -2.76 -0.72
C DBU A 6 5.02 -1.20 -3.91
O DBU A 6 5.32 -0.01 -3.84
H DBU A 6 5.81 -4.12 -3.58
HB DBU A 6 6.30 -0.70 -1.62
HG1 DBU A 6 5.71 -3.35 -0.41
HG2 DBU A 6 6.95 -2.23 0.13
HG3 DBU A 6 7.30 -3.40 -1.15
N CYS A 7 4.31 -1.71 -4.91
CA CYS A 7 3.83 -0.89 -6.02
C CYS A 7 3.11 0.36 -5.49
N ALA A 8 1.82 0.21 -5.19
CA ALA A 8 1.02 1.31 -4.68
C ALA A 8 1.39 1.63 -3.24
N ILE A 9 2.32 0.87 -2.68
CA ILE A 9 2.76 1.07 -1.31
C ILE A 9 3.86 2.13 -1.24
N LEU A 10 4.57 2.31 -2.35
CA LEU A 10 5.65 3.30 -2.40
C LEU A 10 5.10 4.69 -2.71
N DAL A 11 3.84 4.91 -2.35
CA DAL A 11 3.20 6.20 -2.59
CB DAL A 11 2.02 6.37 -1.65
C DAL A 11 2.74 6.31 -4.04
O DAL A 11 1.90 7.16 -4.37
H DAL A 11 3.34 4.21 -1.91
HA DAL A 11 3.92 6.97 -2.39
HB1 DAL A 11 1.37 7.14 -2.03
HB2 DAL A 11 2.38 6.68 -0.67
N LYS A 12 3.28 5.46 -4.90
CA LYS A 12 2.91 5.47 -6.31
C LYS A 12 1.94 4.34 -6.63
N PRO A 13 0.64 4.68 -6.64
CA PRO A 13 -0.42 3.71 -6.93
C PRO A 13 -0.43 3.27 -8.39
N LEU A 14 -0.83 2.03 -8.63
CA LEU A 14 -0.87 1.47 -9.98
C LEU A 14 -1.68 0.18 -10.01
N GLY A 15 -1.76 -0.43 -11.20
CA GLY A 15 -2.49 -1.67 -11.34
C GLY A 15 -3.84 -1.62 -10.65
N ASN A 16 -3.91 -2.21 -9.45
CA ASN A 16 -5.15 -2.23 -8.68
C ASN A 16 -5.77 -0.84 -8.58
N ASN A 17 -6.86 -0.73 -7.85
CA ASN A 17 -7.54 0.55 -7.67
C ASN A 17 -8.43 0.53 -6.42
N GLY A 18 -9.03 -0.62 -6.16
CA GLY A 18 -9.89 -0.76 -5.00
C GLY A 18 -9.16 -0.51 -3.69
N TYR A 19 -7.84 -0.36 -3.79
CA TYR A 19 -7.02 -0.11 -2.60
C TYR A 19 -6.37 1.26 -2.67
N LEU A 20 -5.31 1.44 -1.89
CA LEU A 20 -4.58 2.71 -1.86
C LEU A 20 -3.20 2.53 -1.24
N CYS A 21 -2.58 3.65 -0.87
CA CYS A 21 -1.26 3.62 -0.26
C CYS A 21 -1.34 3.30 1.23
N ABA A 22 -0.22 3.42 1.91
CA ABA A 22 -0.12 4.08 3.24
C ABA A 22 -1.10 3.58 4.36
O ABA A 22 -1.09 4.19 5.43
CB ABA A 22 1.38 3.86 3.60
CG ABA A 22 2.34 4.27 2.47
H ABA A 22 0.47 3.73 1.21
HA ABA A 22 -0.31 5.18 3.14
HB2 ABA A 22 1.66 4.49 4.47
HG1 ABA A 22 2.09 5.26 2.04
HG3 ABA A 22 2.31 3.55 1.63
HG2 ABA A 22 3.39 4.31 2.80
N VAL A 23 -1.92 2.57 4.11
CA VAL A 23 -2.88 2.11 5.11
C VAL A 23 -2.23 1.15 6.10
N ABA A 24 -2.67 1.21 7.34
CA ABA A 24 -2.98 0.01 8.18
C ABA A 24 -1.80 -0.95 8.52
O ABA A 24 -0.70 -0.69 8.03
CB ABA A 24 -3.61 0.67 9.44
CG ABA A 24 -4.72 1.69 9.09
H ABA A 24 -3.38 1.94 7.32
HA ABA A 24 -3.75 -0.61 7.68
HB2 ABA A 24 -4.11 -0.10 10.07
HG1 ABA A 24 -5.43 1.87 9.92
HG3 ABA A 24 -5.30 1.37 8.21
HG2 ABA A 24 -4.29 2.68 8.82
N LYS A 25 -2.00 -1.96 9.35
CA LYS A 25 -0.92 -2.86 9.74
C LYS A 25 -0.12 -3.32 8.51
N GLU A 26 -0.70 -3.12 7.33
CA GLU A 26 -0.05 -3.51 6.09
C GLU A 26 1.02 -2.49 5.70
N CYS A 27 0.75 -1.22 5.96
CA CYS A 27 1.68 -0.15 5.63
C CYS A 27 2.43 0.32 6.88
N MET A 28 1.74 0.33 8.02
CA MET A 28 2.34 0.76 9.27
C MET A 28 2.10 -0.28 10.36
N PRO A 29 3.19 -0.78 10.96
CA PRO A 29 3.12 -1.78 12.03
C PRO A 29 2.55 -1.21 13.33
N SER A 30 2.75 0.09 13.52
CA SER A 30 2.27 0.76 14.72
C SER A 30 0.91 1.40 14.48
N CYS A 31 0.24 0.96 13.41
CA CYS A 31 -1.07 1.49 13.07
C CYS A 31 -1.97 1.57 14.30
N ASN A 32 -2.96 2.46 14.24
CA ASN A 32 -3.89 2.63 15.36
C ASN A 32 -5.20 1.89 15.10
C4 2KT A 1 3.88 -11.83 -3.41
C3 2KT A 1 2.89 -11.18 -3.91
C2 2KT A 1 1.78 -11.38 -3.33
O3 2KT A 1 1.23 -12.48 -3.35
C 2KT A 1 1.18 -10.38 -2.66
O 2KT A 1 1.75 -9.30 -2.61
H41 2KT A 1 4.64 -12.10 -3.99
H42 2KT A 1 4.42 -11.42 -2.67
H43 2KT A 1 3.72 -12.72 -2.97
H31 2KT A 1 3.32 -10.27 -3.87
H32 2KT A 1 2.96 -11.30 -4.90
N ILE A 2 0.00 -10.60 -2.09
CA ILE A 2 -0.70 -9.56 -1.36
C ILE A 2 -0.04 -9.28 -0.02
N ABA A 3 0.94 -8.40 -0.03
CA ABA A 3 1.09 -7.32 1.00
C ABA A 3 2.52 -7.09 1.60
O ABA A 3 2.64 -6.22 2.45
CB ABA A 3 0.56 -6.06 0.23
CG ABA A 3 -0.52 -6.44 -0.83
H ABA A 3 1.00 -8.09 -1.00
HA ABA A 3 0.43 -7.51 1.85
HB2 ABA A 3 0.07 -5.37 0.93
HG1 ABA A 3 -1.20 -5.60 -1.06
HG3 ABA A 3 -1.13 -7.29 -0.49
HG2 ABA A 3 -0.06 -6.76 -1.78
N LEU A 4 3.52 -7.87 1.22
CA LEU A 4 4.86 -7.73 1.79
C LEU A 4 5.90 -7.45 0.70
N DHA A 5 6.65 -6.37 0.87
CA DHA A 5 7.62 -6.03 -0.03
CB DHA A 5 8.68 -6.82 -0.21
C DHA A 5 7.51 -4.82 -0.75
O DHA A 5 7.87 -3.74 -0.26
H DHA A 5 6.48 -5.85 1.68
HB1 DHA A 5 8.78 -7.74 0.33
HB2 DHA A 5 9.46 -6.52 -0.89
N DBU A 6 6.91 -4.91 -1.93
CA DBU A 6 6.70 -3.78 -2.67
CB DBU A 6 7.74 -2.99 -3.01
CG DBU A 6 9.12 -3.37 -2.56
C DBU A 6 5.29 -3.42 -3.11
O DBU A 6 5.09 -2.48 -3.89
H DBU A 6 6.66 -5.81 -2.24
HB DBU A 6 7.57 -2.10 -3.60
HG1 DBU A 6 9.17 -4.43 -2.39
HG2 DBU A 6 9.35 -2.84 -1.65
HG3 DBU A 6 9.84 -3.09 -3.32
N CYS A 7 4.33 -4.19 -2.63
CA CYS A 7 2.93 -3.98 -3.00
C CYS A 7 2.43 -2.65 -2.46
N ALA A 8 2.39 -2.51 -1.14
CA ALA A 8 1.93 -1.28 -0.50
C ALA A 8 2.90 -0.14 -0.76
N ILE A 9 3.99 -0.44 -1.46
CA ILE A 9 5.00 0.57 -1.76
C ILE A 9 4.66 1.32 -3.04
N LEU A 10 4.26 0.57 -4.07
CA LEU A 10 3.90 1.17 -5.35
C LEU A 10 2.44 1.62 -5.35
N DAL A 11 1.99 2.15 -4.23
CA DAL A 11 0.62 2.61 -4.09
CB DAL A 11 -0.34 1.45 -4.31
C DAL A 11 0.31 3.72 -5.09
O DAL A 11 0.71 3.66 -6.26
H DAL A 11 2.59 2.22 -3.46
HA DAL A 11 0.49 2.99 -3.10
HB1 DAL A 11 0.11 0.54 -3.95
HB2 DAL A 11 -0.53 1.34 -5.38
N LYS A 12 -0.39 4.74 -4.63
CA LYS A 12 -0.76 5.88 -5.48
C LYS A 12 -1.65 6.86 -4.72
N PRO A 13 -1.66 8.12 -5.17
CA PRO A 13 -2.46 9.17 -4.55
C PRO A 13 -3.96 8.97 -4.80
N LEU A 14 -4.47 9.58 -5.87
CA LEU A 14 -5.87 9.47 -6.21
C LEU A 14 -6.19 8.09 -6.78
N GLY A 15 -7.35 7.97 -7.43
CA GLY A 15 -7.74 6.70 -8.01
C GLY A 15 -7.36 6.58 -9.48
N ASN A 16 -6.57 5.57 -9.79
CA ASN A 16 -6.12 5.34 -11.16
C ASN A 16 -5.73 3.88 -11.39
N ASN A 17 -6.20 3.01 -10.49
CA ASN A 17 -5.89 1.59 -10.58
C ASN A 17 -6.58 0.81 -9.47
N GLY A 18 -5.94 0.76 -8.31
CA GLY A 18 -6.51 0.05 -7.17
C GLY A 18 -5.80 -1.26 -6.90
N TYR A 19 -4.62 -1.44 -7.50
CA TYR A 19 -3.84 -2.65 -7.31
C TYR A 19 -3.54 -2.88 -5.84
N LEU A 20 -2.73 -3.90 -5.55
CA LEU A 20 -2.36 -4.23 -4.19
C LEU A 20 -1.71 -3.04 -3.50
N CYS A 21 -2.52 -2.10 -3.04
CA CYS A 21 -2.02 -0.91 -2.36
C CYS A 21 -2.02 -1.11 -0.84
N ABA A 22 -1.81 -0.03 -0.12
CA ABA A 22 -2.60 0.33 1.09
C ABA A 22 -2.52 -0.65 2.31
O ABA A 22 -3.25 -0.41 3.27
CB ABA A 22 -2.06 1.75 1.42
CG ABA A 22 -2.09 2.70 0.19
H ABA A 22 -1.70 0.71 -0.81
HA ABA A 22 -3.67 0.41 0.84
HB2 ABA A 22 -2.70 2.23 2.18
HG1 ABA A 22 -2.09 3.76 0.46
HG3 ABA A 22 -2.99 2.51 -0.44
HG2 ABA A 22 -1.23 2.52 -0.48
N VAL A 23 -1.72 -1.71 2.26
CA VAL A 23 -1.64 -2.67 3.36
C VAL A 23 -0.70 -2.18 4.45
N ABA A 24 -1.03 -2.51 5.69
CA ABA A 24 -0.07 -3.03 6.70
C ABA A 24 1.10 -2.07 7.14
O ABA A 24 1.18 -0.99 6.57
CB ABA A 24 -1.03 -3.39 7.89
CG ABA A 24 -2.23 -4.26 7.43
H ABA A 24 -1.90 -3.03 5.59
HA ABA A 24 0.41 -3.95 6.33
HB2 ABA A 24 -0.48 -4.00 8.63
HG1 ABA A 24 -2.67 -4.84 8.24
HG3 ABA A 24 -1.93 -4.96 6.63
HG2 ABA A 24 -3.03 -3.64 6.99
N LYS A 25 1.91 -2.44 8.12
CA LYS A 25 2.98 -1.57 8.59
C LYS A 25 3.78 -1.01 7.43
N GLU A 26 3.61 -1.62 6.26
CA GLU A 26 4.31 -1.17 5.06
C GLU A 26 3.66 0.07 4.47
N CYS A 27 2.33 0.13 4.53
CA CYS A 27 1.58 1.26 4.01
C CYS A 27 1.14 2.19 5.13
N MET A 28 0.79 1.61 6.28
CA MET A 28 0.36 2.38 7.43
C MET A 28 1.14 2.00 8.69
N PRO A 29 1.80 2.98 9.30
CA PRO A 29 2.60 2.76 10.51
C PRO A 29 1.72 2.46 11.72
N SER A 30 0.50 2.97 11.71
CA SER A 30 -0.43 2.75 12.81
C SER A 30 -1.33 1.56 12.53
N CYS A 31 -0.93 0.73 11.58
CA CYS A 31 -1.70 -0.46 11.22
C CYS A 31 -2.16 -1.21 12.46
N ASN A 32 -3.38 -0.91 12.91
CA ASN A 32 -3.93 -1.56 14.10
C ASN A 32 -5.44 -1.73 13.96
C4 2KT A 1 15.92 -4.82 -5.86
C3 2KT A 1 15.44 -4.22 -4.83
C2 2KT A 1 14.98 -3.07 -5.07
O3 2KT A 1 15.73 -2.10 -5.30
C 2KT A 1 13.65 -2.86 -5.08
O 2KT A 1 12.92 -3.83 -4.89
H41 2KT A 1 15.31 -5.27 -6.51
H42 2KT A 1 16.47 -4.32 -6.52
H43 2KT A 1 16.55 -5.60 -5.74
H31 2KT A 1 14.82 -4.96 -4.55
H32 2KT A 1 16.12 -4.35 -4.11
N ILE A 2 13.19 -1.63 -5.30
CA ILE A 2 11.76 -1.35 -5.34
C ILE A 2 11.10 -2.00 -6.54
N ABA A 3 10.46 -3.13 -6.31
CA ABA A 3 9.11 -3.46 -6.85
C ABA A 3 8.89 -4.89 -7.41
O ABA A 3 7.82 -5.12 -8.00
CB ABA A 3 8.19 -3.14 -5.63
CG ABA A 3 8.76 -2.03 -4.73
H ABA A 3 10.59 -3.29 -5.31
HA ABA A 3 8.85 -2.76 -7.68
HB2 ABA A 3 7.21 -2.77 -5.98
HG1 ABA A 3 9.26 -1.23 -5.30
HG3 ABA A 3 9.50 -2.43 -4.00
HG2 ABA A 3 7.98 -1.55 -4.11
N LEU A 4 9.85 -5.81 -7.30
CA LEU A 4 9.71 -7.15 -7.87
C LEU A 4 9.19 -8.13 -6.82
N DHA A 5 8.12 -8.85 -7.17
CA DHA A 5 7.58 -9.76 -6.30
CB DHA A 5 8.29 -10.81 -5.90
C DHA A 5 6.24 -9.61 -5.87
O DHA A 5 5.29 -9.99 -6.57
H DHA A 5 7.77 -8.68 -8.06
HB1 DHA A 5 9.31 -10.94 -6.23
HB2 DHA A 5 7.84 -11.56 -5.26
N DBU A 6 6.07 -8.95 -4.73
CA DBU A 6 4.82 -8.71 -4.26
CB DBU A 6 3.95 -9.71 -4.08
CG DBU A 6 4.38 -11.12 -4.39
C DBU A 6 4.40 -7.28 -3.96
O DBU A 6 3.22 -6.98 -3.80
H DBU A 6 6.89 -8.70 -4.25
HB DBU A 6 2.95 -9.52 -3.70
HG1 DBU A 6 4.08 -11.38 -5.39
HG2 DBU A 6 3.93 -11.79 -3.67
HG3 DBU A 6 5.46 -11.18 -4.32
N CYS A 7 5.40 -6.40 -3.85
CA CYS A 7 5.14 -5.00 -3.53
C CYS A 7 4.45 -4.29 -4.68
N ALA A 8 5.10 -4.26 -5.84
CA ALA A 8 4.56 -3.62 -7.02
C ALA A 8 3.27 -4.31 -7.48
N ILE A 9 3.01 -5.49 -6.93
CA ILE A 9 1.82 -6.26 -7.27
C ILE A 9 0.67 -5.95 -6.31
N LEU A 10 0.97 -5.99 -5.01
CA LEU A 10 -0.03 -5.73 -3.99
C LEU A 10 0.05 -4.28 -3.52
N DAL A 11 0.68 -3.43 -4.32
CA DAL A 11 0.83 -2.03 -3.98
CB DAL A 11 1.51 -1.88 -2.63
C DAL A 11 -0.53 -1.32 -3.97
O DAL A 11 -1.37 -1.59 -3.12
H DAL A 11 1.06 -3.77 -5.17
HA DAL A 11 1.46 -1.57 -4.75
HB1 DAL A 11 2.54 -1.59 -2.78
HB2 DAL A 11 1.49 -2.85 -2.12
N LYS A 12 -0.72 -0.40 -4.91
CA LYS A 12 -1.96 0.35 -5.00
C LYS A 12 -2.73 -0.02 -6.27
N PRO A 13 -4.06 0.07 -6.21
CA PRO A 13 -4.94 -0.25 -7.33
C PRO A 13 -4.83 0.77 -8.46
N LEU A 14 -5.76 0.69 -9.41
CA LEU A 14 -5.76 1.60 -10.54
C LEU A 14 -6.91 2.59 -10.45
N GLY A 15 -6.85 3.65 -11.24
CA GLY A 15 -7.89 4.66 -11.23
C GLY A 15 -8.25 5.10 -9.82
N ASN A 16 -7.34 4.89 -8.88
CA ASN A 16 -7.57 5.27 -7.49
C ASN A 16 -6.84 6.56 -7.15
N ASN A 17 -6.75 6.86 -5.86
CA ASN A 17 -6.07 8.07 -5.40
C ASN A 17 -4.70 8.21 -6.06
N GLY A 18 -3.89 7.15 -5.96
CA GLY A 18 -2.57 7.18 -6.55
C GLY A 18 -1.48 7.43 -5.52
N TYR A 19 -1.85 7.37 -4.25
CA TYR A 19 -0.89 7.59 -3.17
C TYR A 19 -0.03 6.36 -2.95
N LEU A 20 0.75 6.39 -1.86
CA LEU A 20 1.63 5.27 -1.54
C LEU A 20 0.83 4.09 -1.00
N CYS A 21 1.52 2.99 -0.70
CA CYS A 21 0.87 1.79 -0.19
C CYS A 21 0.73 1.85 1.33
N ABA A 22 0.31 0.76 1.93
CA ABA A 22 0.91 0.20 3.17
C ABA A 22 1.23 1.21 4.33
O ABA A 22 2.03 0.85 5.18
CB ABA A 22 -0.14 -0.88 3.58
CG ABA A 22 -0.89 -1.46 2.35
H ABA A 22 0.18 0.09 1.16
HA ABA A 22 1.87 -0.31 2.94
HB2 ABA A 22 0.36 -1.73 4.07
HG1 ABA A 22 -1.45 -0.71 1.79
HG3 ABA A 22 -1.60 -2.26 2.66
HG2 ABA A 22 -0.19 -1.95 1.65
N VAL A 23 0.67 2.42 4.32
CA VAL A 23 0.98 3.40 5.35
C VAL A 23 0.14 3.16 6.61
N ABA A 24 0.64 3.63 7.74
CA ABA A 24 -0.14 4.37 8.75
C ABA A 24 -1.31 3.60 9.46
O ABA A 24 -1.42 2.40 9.22
CB ABA A 24 0.97 4.82 9.75
CG ABA A 24 2.19 5.45 9.03
H ABA A 24 1.53 4.06 7.46
HA ABA A 24 -0.60 5.28 8.30
HB2 ABA A 24 0.58 5.61 10.43
HG1 ABA A 24 1.90 6.09 8.18
HG3 ABA A 24 2.88 4.67 8.64
HG2 ABA A 24 2.80 6.06 9.71
N LYS A 25 -2.11 4.24 10.31
CA LYS A 25 -3.17 3.56 11.02
C LYS A 25 -4.12 2.85 10.06
N GLU A 26 -3.95 3.13 8.77
CA GLU A 26 -4.77 2.50 7.74
C GLU A 26 -4.34 1.07 7.47
N CYS A 27 -3.05 0.82 7.62
CA CYS A 27 -2.50 -0.51 7.40
C CYS A 27 -2.22 -1.22 8.72
N MET A 28 -1.60 -0.49 9.64
CA MET A 28 -1.28 -1.05 10.96
C MET A 28 -1.91 -0.22 12.07
N PRO A 29 -2.59 -0.91 13.00
CA PRO A 29 -3.26 -0.25 14.13
C PRO A 29 -2.26 0.32 15.14
N SER A 30 -1.09 -0.30 15.23
CA SER A 30 -0.06 0.16 16.15
C SER A 30 0.94 1.07 15.45
N CYS A 31 0.60 1.47 14.23
CA CYS A 31 1.46 2.35 13.44
C CYS A 31 2.06 3.45 14.32
N ASN A 32 3.38 3.51 14.37
CA ASN A 32 4.08 4.50 15.16
C ASN A 32 5.25 5.11 14.39
C4 2KT A 1 3.37 -11.23 -7.39
C3 2KT A 1 2.54 -11.34 -6.39
C2 2KT A 1 1.34 -11.07 -6.69
O3 2KT A 1 0.64 -11.89 -7.29
C 2KT A 1 0.81 -9.89 -6.36
O 2KT A 1 1.52 -9.10 -5.74
H41 2KT A 1 4.35 -11.40 -7.24
H42 2KT A 1 3.26 -11.82 -8.18
H43 2KT A 1 3.45 -10.37 -7.87
H31 2KT A 1 2.80 -12.27 -6.13
H32 2KT A 1 2.99 -10.85 -5.64
N ILE A 2 -0.45 -9.62 -6.72
CA ILE A 2 -1.07 -8.35 -6.40
C ILE A 2 -1.34 -8.24 -4.90
N ABA A 3 -0.48 -7.51 -4.21
CA ABA A 3 -0.85 -6.52 -3.18
C ABA A 3 -0.03 -6.51 -1.84
O ABA A 3 -0.31 -5.65 -1.01
CB ABA A 3 -0.74 -5.18 -3.96
CG ABA A 3 -1.04 -5.35 -5.47
H ABA A 3 0.20 -7.20 -4.91
HA ABA A 3 -1.91 -6.67 -2.87
HB2 ABA A 3 -1.49 -4.45 -3.60
HG1 ABA A 3 -1.84 -6.08 -5.67
HG3 ABA A 3 -0.14 -5.69 -6.03
HG2 ABA A 3 -1.33 -4.40 -5.95
N LEU A 4 0.90 -7.43 -1.64
CA LEU A 4 1.65 -7.49 -0.39
C LEU A 4 3.13 -7.17 -0.63
N DHA A 5 3.66 -6.22 0.13
CA DHA A 5 4.98 -5.85 0.01
CB DHA A 5 5.94 -6.73 0.29
C DHA A 5 5.31 -4.54 -0.38
O DHA A 5 5.30 -3.61 0.42
H DHA A 5 3.05 -5.81 0.78
HB1 DHA A 5 5.69 -7.74 0.60
HB2 DHA A 5 6.97 -6.43 0.24
N DBU A 6 5.53 -4.37 -1.69
CA DBU A 6 5.80 -3.13 -2.17
CB DBU A 6 7.04 -2.62 -2.09
CG DBU A 6 8.13 -3.45 -1.47
C DBU A 6 4.68 -2.30 -2.78
O DBU A 6 4.92 -1.39 -3.58
H DBU A 6 5.51 -5.18 -2.25
HB DBU A 6 7.25 -1.63 -2.48
HG1 DBU A 6 8.10 -3.34 -0.40
HG2 DBU A 6 9.09 -3.12 -1.84
HG3 DBU A 6 7.98 -4.48 -1.72
N CYS A 7 3.45 -2.66 -2.43
CA CYS A 7 2.27 -1.98 -2.98
C CYS A 7 2.10 -0.60 -2.35
N ALA A 8 1.77 -0.59 -1.06
CA ALA A 8 1.57 0.65 -0.33
C ALA A 8 2.90 1.35 -0.07
N ILE A 9 3.98 0.79 -0.61
CA ILE A 9 5.31 1.36 -0.43
C ILE A 9 5.59 2.43 -1.48
N LEU A 10 5.26 2.12 -2.73
CA LEU A 10 5.47 3.06 -3.83
C LEU A 10 4.24 3.92 -4.05
N DAL A 11 3.48 4.13 -2.99
CA DAL A 11 2.28 4.94 -3.07
CB DAL A 11 1.45 4.78 -1.80
C DAL A 11 1.43 4.56 -4.28
O DAL A 11 0.74 3.53 -4.28
H DAL A 11 3.72 3.73 -2.13
HA DAL A 11 2.57 5.98 -3.17
HB1 DAL A 11 1.85 5.44 -1.03
HB2 DAL A 11 1.53 3.77 -1.46
N LYS A 12 1.47 5.39 -5.32
CA LYS A 12 0.71 5.15 -6.53
C LYS A 12 -0.72 4.74 -6.21
N PRO A 13 -1.62 5.72 -6.16
CA PRO A 13 -3.04 5.49 -5.86
C PRO A 13 -3.76 4.76 -6.99
N LEU A 14 -5.09 4.76 -6.94
CA LEU A 14 -5.89 4.10 -7.96
C LEU A 14 -5.54 4.61 -9.35
N GLY A 15 -6.41 4.35 -10.31
CA GLY A 15 -6.19 4.80 -11.68
C GLY A 15 -6.34 3.67 -12.69
N ASN A 16 -7.58 3.32 -12.99
CA ASN A 16 -7.86 2.25 -13.95
C ASN A 16 -6.99 1.03 -13.66
N ASN A 17 -7.27 0.36 -12.55
CA ASN A 17 -6.52 -0.82 -12.16
C ASN A 17 -7.05 -1.40 -10.85
N GLY A 18 -6.78 -0.72 -9.75
CA GLY A 18 -7.25 -1.18 -8.45
C GLY A 18 -6.11 -1.34 -7.45
N TYR A 19 -5.02 -0.62 -7.69
CA TYR A 19 -3.85 -0.68 -6.80
C TYR A 19 -4.25 -0.38 -5.37
N LEU A 20 -3.25 -0.09 -4.54
CA LEU A 20 -3.49 0.23 -3.13
C LEU A 20 -2.27 0.89 -2.50
N CYS A 21 -2.50 2.00 -1.81
CA CYS A 21 -1.41 2.74 -1.16
C CYS A 21 -1.28 2.34 0.30
N ABA A 22 -0.54 3.12 1.06
CA ABA A 22 -0.93 3.56 2.42
C ABA A 22 -1.51 2.50 3.40
O ABA A 22 -2.08 2.91 4.41
CB ABA A 22 0.40 4.19 2.95
CG ABA A 22 1.22 4.87 1.81
H ABA A 22 -0.23 3.85 0.42
HA ABA A 22 -1.69 4.37 2.36
HB2 ABA A 22 0.19 5.00 3.67
HG1 ABA A 22 1.99 5.58 2.18
HG3 ABA A 22 0.57 5.43 1.11
HG2 ABA A 22 1.74 4.12 1.19
N VAL A 23 -1.42 1.20 3.09
CA VAL A 23 -2.00 0.17 3.95
C VAL A 23 -1.05 -0.19 5.08
N ABA A 24 -1.60 -0.75 6.15
CA ABA A 24 -1.04 -1.92 6.86
C ABA A 24 0.39 -1.78 7.47
O ABA A 24 0.97 -0.71 7.30
CB ABA A 24 -2.13 -2.19 7.95
CG ABA A 24 -3.50 -1.57 7.57
H ABA A 24 -2.59 -0.79 5.91
HA ABA A 24 -1.00 -2.80 6.18
HB2 ABA A 24 -2.32 -3.28 8.04
HG1 ABA A 24 -3.88 -1.93 6.60
HG3 ABA A 24 -3.44 -0.46 7.52
HG2 ABA A 24 -4.27 -1.79 8.33
N LYS A 25 0.92 -2.78 8.16
CA LYS A 25 2.23 -2.69 8.79
C LYS A 25 3.22 -1.98 7.87
N GLU A 26 2.92 -1.99 6.56
CA GLU A 26 3.78 -1.35 5.58
C GLU A 26 3.83 0.16 5.80
N CYS A 27 2.68 0.75 6.08
CA CYS A 27 2.59 2.18 6.31
C CYS A 27 2.51 2.50 7.80
N MET A 28 1.94 1.57 8.56
CA MET A 28 1.79 1.75 10.01
C MET A 28 2.96 1.07 10.74
N PRO A 29 3.23 1.56 11.96
CA PRO A 29 4.31 1.01 12.80
C PRO A 29 4.00 -0.39 13.31
N SER A 30 2.77 -0.58 13.78
CA SER A 30 2.36 -1.88 14.31
C SER A 30 0.89 -2.14 13.97
N CYS A 31 0.56 -2.08 12.69
CA CYS A 31 -0.81 -2.32 12.23
C CYS A 31 -1.47 -3.40 13.08
N ASN A 32 -2.56 -3.04 13.73
CA ASN A 32 -3.30 -3.98 14.57
C ASN A 32 -4.80 -3.68 14.55
#